data_7SL8
#
_entry.id   7SL8
#
_cell.length_a   1.00
_cell.length_b   1.00
_cell.length_c   1.00
_cell.angle_alpha   90.00
_cell.angle_beta   90.00
_cell.angle_gamma   90.00
#
_symmetry.space_group_name_H-M   'P 1'
#
loop_
_entity.id
_entity.type
_entity.pdbx_description
1 polymer 'Sodium/glucose cotransporter 1'
2 polymer 'nanobody Nb1'
3 non-polymer CHOLESTEROL
#
loop_
_entity_poly.entity_id
_entity_poly.type
_entity_poly.pdbx_seq_one_letter_code
_entity_poly.pdbx_strand_id
1 'polypeptide(L)'
;MDSSTWSPKTTAVTRPVETHELIRNAADISVIVIYFLLVMAVGLWSMFKTNRGTVGGFFLAGRSMVWWPIGASLFASNIG
SGHFIGLAGTGAASGLAVGGFEWNALVLLLVLGWVFVPIYIKAGVVTMPEYLRKRFGGQRIQVYLSVLSLFLYIFTKISV
DIFSGAIFINLALGWNLYLSIILLLAITALYTITGGLAAVIYTDTLQTLIMLIGALILMGFAFHEVGGYDAFMEKYMKAI
PTIVSDGNTTFQEKCYTPRADSFHIFRDPLTGDLPWPGFIFGLTILALWYWCTDQVIVQRCLAAKNMSHVKGGCILAGYL
KLLPMFIMVMPGMISRILFPDKVACVVPSECEKYCGTKVGCTNIAYPTLVVELMPNGLRGLMLAVMLAALMSSLTSIFNS
ASTLFTMDIYAKVRKRASEKELMIVGRLFVLFLVVVSIAWIPIVQSAQSGQLFDYIQSVSSYLAPPVAAVFLLAIFWKRV
NEQGAFWGLILGLLLGLSRLILEFAYGTGSCMEPSNCPTIICGVHYLYFAIILFAISGIVTVVVSLLTKPIPDVHLYRLC
WSLRNSKEERIDLDAEEENIQEGPKETIEIETQVPEKKKGIFRRAYDLFCGLEQHGAPKMTEEEEKAMKMKMTDTSEKPL
WRTVLNINAILLLAVAIFCWGYFASNSLEVLFQ
;
A
2 'polypeptide(L)'
;MAQVQLQESGGGLVQAGGSLRLSCAASGTIFVFDKMGWYRQAPGKEREFVATISRGGSTNYADSVKGRFTISRDNAKNTV
YLQMNSLKPEDTAVYYCAVRYTPWRRYSYWGQGTQVTVSSHHHHHH
;
B
#
# COMPACT_ATOMS: atom_id res chain seq x y z
N HIS A 20 -6.45 -26.15 2.11
CA HIS A 20 -7.71 -26.57 2.71
C HIS A 20 -7.46 -27.59 3.82
N GLU A 21 -6.47 -28.44 3.60
CA GLU A 21 -6.11 -29.48 4.55
C GLU A 21 -5.64 -28.90 5.89
N LEU A 22 -4.90 -27.80 5.82
CA LEU A 22 -4.35 -27.17 7.03
C LEU A 22 -5.39 -26.68 8.03
N ILE A 23 -6.49 -26.12 7.54
CA ILE A 23 -7.53 -25.61 8.44
C ILE A 23 -8.57 -26.67 8.81
N ARG A 24 -8.40 -27.87 8.26
CA ARG A 24 -9.33 -28.98 8.52
C ARG A 24 -9.34 -29.38 10.00
N ASN A 25 -8.18 -29.33 10.63
CA ASN A 25 -8.06 -29.73 12.03
C ASN A 25 -8.99 -28.92 12.95
N ALA A 26 -9.62 -29.64 13.87
CA ALA A 26 -10.57 -29.07 14.84
C ALA A 26 -9.98 -28.09 15.85
N ALA A 27 -8.67 -28.18 16.09
CA ALA A 27 -8.05 -27.33 17.10
C ALA A 27 -8.19 -25.82 16.86
N ASP A 28 -8.06 -25.37 15.62
CA ASP A 28 -8.18 -23.93 15.35
C ASP A 28 -9.65 -23.47 15.31
N ILE A 29 -10.54 -24.34 14.85
CA ILE A 29 -11.97 -24.04 14.79
C ILE A 29 -12.47 -23.56 16.15
N SER A 30 -11.88 -24.07 17.24
CA SER A 30 -12.19 -23.56 18.57
C SER A 30 -11.84 -22.08 18.70
N VAL A 31 -10.68 -21.68 18.16
CA VAL A 31 -10.28 -20.27 18.22
C VAL A 31 -11.21 -19.40 17.39
N ILE A 32 -11.61 -19.89 16.21
CA ILE A 32 -12.50 -19.12 15.33
C ILE A 32 -13.86 -18.94 15.98
N VAL A 33 -14.44 -20.01 16.54
CA VAL A 33 -15.77 -19.93 17.12
C VAL A 33 -15.75 -19.11 18.41
N ILE A 34 -14.70 -19.21 19.23
CA ILE A 34 -14.69 -18.36 20.42
C ILE A 34 -14.39 -16.91 20.09
N TYR A 35 -13.70 -16.61 18.99
CA TYR A 35 -13.51 -15.21 18.60
C TYR A 35 -14.82 -14.61 18.09
N PHE A 36 -15.57 -15.38 17.30
CA PHE A 36 -16.87 -14.88 16.85
C PHE A 36 -17.88 -14.83 17.98
N LEU A 37 -17.75 -15.71 18.97
CA LEU A 37 -18.58 -15.61 20.16
C LEU A 37 -18.20 -14.41 21.01
N LEU A 38 -16.92 -14.03 21.00
CA LEU A 38 -16.49 -12.83 21.72
C LEU A 38 -17.06 -11.57 21.07
N VAL A 39 -17.02 -11.50 19.74
CA VAL A 39 -17.55 -10.30 19.10
C VAL A 39 -19.09 -10.29 19.17
N MET A 40 -19.73 -11.47 19.21
CA MET A 40 -21.17 -11.51 19.44
C MET A 40 -21.51 -11.09 20.87
N ALA A 41 -20.67 -11.45 21.83
CA ALA A 41 -20.89 -11.06 23.22
C ALA A 41 -20.73 -9.57 23.42
N VAL A 42 -19.74 -8.96 22.76
CA VAL A 42 -19.58 -7.52 22.93
C VAL A 42 -20.66 -6.78 22.12
N GLY A 43 -21.19 -7.38 21.06
CA GLY A 43 -22.33 -6.79 20.38
C GLY A 43 -23.59 -6.79 21.21
N LEU A 44 -23.90 -7.93 21.85
CA LEU A 44 -25.04 -7.96 22.77
C LEU A 44 -24.81 -7.14 24.02
N TRP A 45 -23.56 -6.93 24.42
CA TRP A 45 -23.27 -6.00 25.51
C TRP A 45 -23.52 -4.56 25.08
N SER A 46 -23.24 -4.24 23.82
CA SER A 46 -23.54 -2.90 23.30
C SER A 46 -25.05 -2.69 23.17
N MET A 47 -25.78 -3.73 22.79
CA MET A 47 -27.23 -3.59 22.65
C MET A 47 -27.93 -3.53 23.99
N PHE A 48 -27.29 -3.99 25.07
CA PHE A 48 -27.90 -3.99 26.40
C PHE A 48 -27.46 -2.81 27.26
N LYS A 49 -26.39 -2.11 26.87
CA LYS A 49 -25.92 -0.95 27.63
C LYS A 49 -26.32 0.35 26.95
N ARG A 63 -17.80 13.13 20.09
CA ARG A 63 -18.74 12.37 20.92
C ARG A 63 -18.00 11.56 21.98
N SER A 64 -17.06 12.24 22.66
CA SER A 64 -16.28 11.72 23.78
C SER A 64 -15.50 10.47 23.38
N MET A 65 -14.55 10.67 22.47
CA MET A 65 -13.62 9.64 22.04
C MET A 65 -12.21 9.99 22.48
N VAL A 66 -11.40 8.95 22.62
CA VAL A 66 -10.03 9.10 23.06
C VAL A 66 -9.15 8.93 21.83
N TRP A 67 -7.86 9.27 21.95
CA TRP A 67 -6.97 9.25 20.78
C TRP A 67 -6.65 7.83 20.31
N TRP A 68 -6.57 6.86 21.21
CA TRP A 68 -6.27 5.50 20.75
C TRP A 68 -7.43 4.78 20.04
N PRO A 69 -8.72 4.97 20.35
CA PRO A 69 -9.74 4.43 19.46
C PRO A 69 -10.00 5.25 18.21
N ILE A 70 -9.26 6.35 18.02
CA ILE A 70 -9.31 7.10 16.78
C ILE A 70 -8.19 6.67 15.83
N GLY A 71 -6.98 6.46 16.37
CA GLY A 71 -5.87 6.03 15.54
C GLY A 71 -6.03 4.63 15.00
N ALA A 72 -6.47 3.70 15.83
CA ALA A 72 -6.70 2.35 15.35
C ALA A 72 -7.87 2.28 14.38
N SER A 73 -8.91 3.08 14.61
CA SER A 73 -10.04 3.09 13.70
C SER A 73 -9.74 3.79 12.38
N LEU A 74 -8.77 4.70 12.36
CA LEU A 74 -8.31 5.27 11.09
C LEU A 74 -7.36 4.33 10.38
N PHE A 75 -6.55 3.58 11.14
CA PHE A 75 -5.61 2.64 10.53
C PHE A 75 -6.32 1.43 9.95
N ALA A 76 -7.40 0.97 10.59
CA ALA A 76 -8.09 -0.22 10.16
C ALA A 76 -8.95 -0.01 8.93
N SER A 77 -9.05 1.20 8.42
CA SER A 77 -9.70 1.41 7.14
C SER A 77 -8.79 0.93 6.02
N ASN A 78 -9.41 0.39 4.96
CA ASN A 78 -8.73 -0.24 3.82
C ASN A 78 -7.82 -1.38 4.26
N ILE A 79 -8.26 -2.16 5.25
CA ILE A 79 -7.56 -3.34 5.72
C ILE A 79 -8.48 -4.53 5.53
N GLY A 80 -7.98 -5.57 4.88
CA GLY A 80 -8.77 -6.72 4.53
C GLY A 80 -8.95 -6.90 3.04
N SER A 81 -8.89 -5.81 2.28
CA SER A 81 -8.96 -5.88 0.84
C SER A 81 -8.01 -4.93 0.13
N GLY A 82 -7.19 -4.19 0.87
CA GLY A 82 -6.22 -3.30 0.28
C GLY A 82 -4.94 -3.29 1.06
N HIS A 83 -4.91 -4.10 2.13
CA HIS A 83 -3.72 -4.27 2.95
C HIS A 83 -3.25 -5.71 3.03
N PHE A 84 -4.11 -6.68 2.75
CA PHE A 84 -3.75 -8.09 2.77
C PHE A 84 -3.74 -8.70 1.39
N ILE A 85 -4.82 -8.55 0.64
CA ILE A 85 -4.91 -9.19 -0.67
C ILE A 85 -4.15 -8.39 -1.71
N GLY A 86 -4.59 -7.15 -1.96
CA GLY A 86 -4.08 -6.40 -3.10
C GLY A 86 -2.65 -5.91 -2.92
N LEU A 87 -2.32 -5.45 -1.71
CA LEU A 87 -1.00 -4.91 -1.44
C LEU A 87 0.07 -5.99 -1.53
N ALA A 88 -0.16 -7.13 -0.85
CA ALA A 88 0.76 -8.24 -0.96
C ALA A 88 0.74 -8.90 -2.33
N GLY A 89 -0.36 -8.81 -3.06
CA GLY A 89 -0.38 -9.34 -4.41
C GLY A 89 0.47 -8.53 -5.38
N THR A 90 0.37 -7.21 -5.31
CA THR A 90 1.23 -6.37 -6.13
C THR A 90 2.69 -6.45 -5.67
N GLY A 91 2.91 -6.67 -4.37
CA GLY A 91 4.28 -6.91 -3.92
C GLY A 91 4.87 -8.21 -4.42
N ALA A 92 4.06 -9.25 -4.50
CA ALA A 92 4.52 -10.51 -5.08
C ALA A 92 4.64 -10.42 -6.60
N ALA A 93 3.94 -9.47 -7.23
CA ALA A 93 4.04 -9.31 -8.66
C ALA A 93 5.25 -8.46 -9.05
N SER A 94 5.45 -7.33 -8.37
CA SER A 94 6.50 -6.37 -8.74
C SER A 94 7.61 -6.30 -7.72
N GLY A 95 7.31 -5.96 -6.47
CA GLY A 95 8.37 -5.84 -5.49
C GLY A 95 8.13 -4.82 -4.39
N LEU A 96 9.09 -3.94 -4.16
CA LEU A 96 9.05 -3.00 -3.04
C LEU A 96 8.38 -1.68 -3.38
N ALA A 97 7.96 -1.46 -4.63
CA ALA A 97 7.51 -0.13 -5.04
C ALA A 97 6.15 0.22 -4.47
N VAL A 98 5.28 -0.79 -4.32
CA VAL A 98 3.91 -0.53 -3.88
C VAL A 98 3.84 -0.16 -2.40
N GLY A 99 4.91 -0.38 -1.65
CA GLY A 99 4.98 0.10 -0.28
C GLY A 99 5.00 1.61 -0.15
N GLY A 100 5.36 2.34 -1.21
CA GLY A 100 5.36 3.80 -1.16
C GLY A 100 3.98 4.41 -1.12
N PHE A 101 2.97 3.68 -1.59
CA PHE A 101 1.58 4.10 -1.44
C PHE A 101 1.21 4.24 0.03
N GLU A 102 1.78 3.40 0.88
CA GLU A 102 1.51 3.46 2.30
C GLU A 102 2.05 4.75 2.92
N TRP A 103 3.24 5.18 2.54
CA TRP A 103 3.78 6.41 3.08
C TRP A 103 3.14 7.65 2.47
N ASN A 104 2.67 7.56 1.22
CA ASN A 104 1.86 8.64 0.67
C ASN A 104 0.55 8.81 1.43
N ALA A 105 -0.08 7.68 1.80
CA ALA A 105 -1.29 7.75 2.62
C ALA A 105 -0.98 8.27 4.02
N LEU A 106 0.22 7.99 4.54
CA LEU A 106 0.65 8.57 5.81
C LEU A 106 0.72 10.10 5.75
N VAL A 107 1.36 10.63 4.70
CA VAL A 107 1.52 12.09 4.59
C VAL A 107 0.17 12.77 4.39
N LEU A 108 -0.71 12.16 3.58
CA LEU A 108 -2.04 12.75 3.40
C LEU A 108 -2.90 12.60 4.65
N LEU A 109 -2.65 11.57 5.46
CA LEU A 109 -3.34 11.44 6.74
C LEU A 109 -2.94 12.54 7.70
N LEU A 110 -1.65 12.90 7.72
CA LEU A 110 -1.24 14.00 8.58
C LEU A 110 -1.72 15.35 8.05
N VAL A 111 -1.86 15.47 6.73
CA VAL A 111 -2.46 16.68 6.16
C VAL A 111 -3.93 16.80 6.55
N LEU A 112 -4.64 15.66 6.60
CA LEU A 112 -6.00 15.64 7.13
C LEU A 112 -6.04 16.08 8.59
N GLY A 113 -5.12 15.56 9.40
CA GLY A 113 -5.12 15.91 10.81
C GLY A 113 -4.80 17.37 11.07
N TRP A 114 -3.94 17.97 10.24
CA TRP A 114 -3.61 19.38 10.44
C TRP A 114 -4.66 20.32 9.86
N VAL A 115 -5.05 20.12 8.60
CA VAL A 115 -5.70 21.17 7.83
C VAL A 115 -7.21 20.96 7.73
N PHE A 116 -7.62 19.83 7.16
CA PHE A 116 -9.00 19.70 6.69
C PHE A 116 -10.01 19.46 7.81
N VAL A 117 -9.58 18.99 8.98
CA VAL A 117 -10.51 18.80 10.10
C VAL A 117 -10.81 20.14 10.79
N PRO A 118 -9.86 21.07 11.00
CA PRO A 118 -10.28 22.42 11.40
C PRO A 118 -11.21 23.10 10.41
N ILE A 119 -11.06 22.86 9.10
CA ILE A 119 -11.97 23.44 8.13
C ILE A 119 -13.35 22.79 8.24
N TYR A 120 -13.39 21.49 8.51
CA TYR A 120 -14.66 20.80 8.67
C TYR A 120 -15.35 21.14 9.98
N ILE A 121 -14.61 21.61 10.98
CA ILE A 121 -15.23 21.96 12.26
C ILE A 121 -15.48 23.46 12.41
N LYS A 122 -14.82 24.30 11.60
CA LYS A 122 -15.08 25.73 11.66
C LYS A 122 -16.43 26.06 11.04
N ALA A 123 -16.73 25.47 9.87
CA ALA A 123 -17.98 25.74 9.19
C ALA A 123 -19.17 25.04 9.84
N GLY A 124 -18.93 24.10 10.74
CA GLY A 124 -20.00 23.39 11.41
C GLY A 124 -20.72 22.43 10.49
N VAL A 125 -19.96 21.50 9.91
CA VAL A 125 -20.49 20.55 8.94
C VAL A 125 -19.92 19.18 9.28
N VAL A 126 -20.57 18.13 8.77
CA VAL A 126 -20.24 16.76 9.13
C VAL A 126 -19.65 15.95 7.99
N THR A 127 -19.74 16.41 6.75
CA THR A 127 -19.22 15.66 5.62
C THR A 127 -18.87 16.64 4.50
N MET A 128 -18.50 16.09 3.35
CA MET A 128 -18.12 16.90 2.19
C MET A 128 -19.29 17.43 1.34
N PRO A 129 -20.29 16.64 0.93
CA PRO A 129 -21.35 17.25 0.11
C PRO A 129 -22.25 18.20 0.88
N GLU A 130 -22.41 18.01 2.18
CA GLU A 130 -23.11 19.01 2.98
C GLU A 130 -22.29 20.29 3.09
N TYR A 131 -20.96 20.17 3.12
CA TYR A 131 -20.10 21.34 3.06
C TYR A 131 -20.24 22.07 1.72
N LEU A 132 -20.32 21.33 0.62
CA LEU A 132 -20.47 21.96 -0.69
C LEU A 132 -21.86 22.56 -0.85
N ARG A 133 -22.87 22.00 -0.18
CA ARG A 133 -24.18 22.65 -0.14
C ARG A 133 -24.13 23.94 0.68
N LYS A 134 -23.36 23.95 1.76
CA LYS A 134 -23.16 25.17 2.54
C LYS A 134 -22.10 26.09 1.94
N ARG A 135 -21.55 25.74 0.79
CA ARG A 135 -20.60 26.57 0.07
C ARG A 135 -21.11 27.04 -1.28
N PHE A 136 -21.86 26.21 -1.99
CA PHE A 136 -22.35 26.50 -3.33
C PHE A 136 -23.87 26.58 -3.30
N GLY A 137 -24.46 26.57 -4.49
CA GLY A 137 -25.88 26.79 -4.64
C GLY A 137 -26.73 25.57 -4.37
N GLY A 138 -27.61 25.23 -5.31
CA GLY A 138 -28.67 24.26 -5.08
C GLY A 138 -28.28 22.81 -4.96
N GLN A 139 -29.24 21.93 -5.28
CA GLN A 139 -29.15 20.53 -4.93
C GLN A 139 -28.33 19.70 -5.90
N ARG A 140 -27.94 20.25 -7.06
CA ARG A 140 -27.33 19.40 -8.08
C ARG A 140 -25.92 18.97 -7.71
N ILE A 141 -25.16 19.84 -7.02
CA ILE A 141 -23.84 19.47 -6.53
C ILE A 141 -23.95 18.34 -5.50
N GLN A 142 -24.91 18.45 -4.59
CA GLN A 142 -25.06 17.46 -3.52
C GLN A 142 -25.53 16.12 -4.07
N VAL A 143 -26.50 16.12 -4.98
CA VAL A 143 -26.96 14.84 -5.53
C VAL A 143 -25.96 14.24 -6.50
N TYR A 144 -25.13 15.05 -7.17
CA TYR A 144 -24.11 14.47 -8.02
C TYR A 144 -22.98 13.85 -7.18
N LEU A 145 -22.60 14.51 -6.09
CA LEU A 145 -21.62 13.90 -5.20
C LEU A 145 -22.17 12.67 -4.50
N SER A 146 -23.48 12.63 -4.25
CA SER A 146 -24.07 11.43 -3.66
C SER A 146 -24.05 10.26 -4.63
N VAL A 147 -24.42 10.50 -5.90
CA VAL A 147 -24.38 9.44 -6.91
C VAL A 147 -22.95 8.98 -7.16
N LEU A 148 -22.00 9.92 -7.18
CA LEU A 148 -20.61 9.55 -7.43
C LEU A 148 -20.00 8.79 -6.26
N SER A 149 -20.37 9.16 -5.02
CA SER A 149 -19.87 8.44 -3.86
C SER A 149 -20.48 7.05 -3.78
N LEU A 150 -21.74 6.88 -4.21
CA LEU A 150 -22.33 5.55 -4.23
C LEU A 150 -21.68 4.67 -5.30
N PHE A 151 -21.39 5.22 -6.47
CA PHE A 151 -20.73 4.41 -7.49
C PHE A 151 -19.29 4.09 -7.12
N LEU A 152 -18.59 5.00 -6.43
CA LEU A 152 -17.27 4.67 -5.93
C LEU A 152 -17.31 3.63 -4.82
N TYR A 153 -18.37 3.64 -4.01
CA TYR A 153 -18.54 2.60 -3.00
C TYR A 153 -18.71 1.23 -3.65
N ILE A 154 -19.63 1.13 -4.61
CA ILE A 154 -19.89 -0.13 -5.31
C ILE A 154 -18.65 -0.61 -6.06
N PHE A 155 -17.89 0.31 -6.64
CA PHE A 155 -16.76 -0.10 -7.47
C PHE A 155 -15.51 -0.42 -6.66
N THR A 156 -15.30 0.21 -5.51
CA THR A 156 -14.01 0.08 -4.84
C THR A 156 -14.05 -0.46 -3.42
N LYS A 157 -15.19 -0.47 -2.74
CA LYS A 157 -15.17 -0.94 -1.36
C LYS A 157 -15.99 -2.20 -1.14
N ILE A 158 -17.26 -2.19 -1.55
CA ILE A 158 -18.14 -3.33 -1.25
C ILE A 158 -17.76 -4.54 -2.09
N SER A 159 -17.56 -4.33 -3.40
CA SER A 159 -17.21 -5.45 -4.27
C SER A 159 -15.82 -5.99 -3.95
N VAL A 160 -14.89 -5.12 -3.58
CA VAL A 160 -13.54 -5.56 -3.30
C VAL A 160 -13.48 -6.29 -1.95
N ASP A 161 -14.28 -5.84 -0.97
CA ASP A 161 -14.32 -6.54 0.31
C ASP A 161 -15.01 -7.89 0.19
N ILE A 162 -16.06 -7.98 -0.62
CA ILE A 162 -16.74 -9.26 -0.84
C ILE A 162 -15.81 -10.23 -1.58
N PHE A 163 -15.07 -9.73 -2.58
CA PHE A 163 -14.13 -10.58 -3.29
C PHE A 163 -12.97 -11.02 -2.42
N SER A 164 -12.52 -10.17 -1.49
CA SER A 164 -11.44 -10.57 -0.59
C SER A 164 -11.92 -11.59 0.44
N GLY A 165 -13.17 -11.48 0.90
CA GLY A 165 -13.73 -12.54 1.72
C GLY A 165 -13.89 -13.84 0.97
N ALA A 166 -14.24 -13.76 -0.32
CA ALA A 166 -14.34 -14.96 -1.14
C ALA A 166 -12.97 -15.62 -1.34
N ILE A 167 -11.92 -14.81 -1.49
CA ILE A 167 -10.56 -15.36 -1.58
C ILE A 167 -10.15 -16.02 -0.26
N PHE A 168 -10.51 -15.41 0.88
CA PHE A 168 -10.18 -15.97 2.18
C PHE A 168 -10.87 -17.33 2.39
N ILE A 169 -12.18 -17.40 2.12
CA ILE A 169 -12.90 -18.64 2.37
C ILE A 169 -12.56 -19.69 1.31
N ASN A 170 -12.24 -19.28 0.09
CA ASN A 170 -11.87 -20.24 -0.95
C ASN A 170 -10.50 -20.84 -0.68
N LEU A 171 -9.55 -20.05 -0.18
CA LEU A 171 -8.24 -20.58 0.14
C LEU A 171 -8.16 -21.19 1.53
N ALA A 172 -9.19 -21.03 2.35
CA ALA A 172 -9.20 -21.68 3.66
C ALA A 172 -9.99 -22.99 3.66
N LEU A 173 -11.20 -23.00 3.09
CA LEU A 173 -12.10 -24.14 3.19
C LEU A 173 -12.42 -24.77 1.84
N GLY A 174 -11.78 -24.33 0.77
CA GLY A 174 -11.81 -25.06 -0.49
C GLY A 174 -13.10 -25.01 -1.28
N TRP A 175 -14.08 -24.24 -0.86
CA TRP A 175 -15.37 -24.23 -1.57
C TRP A 175 -15.30 -23.36 -2.82
N ASN A 176 -16.43 -23.20 -3.47
CA ASN A 176 -16.50 -22.40 -4.70
C ASN A 176 -16.69 -20.93 -4.33
N LEU A 177 -16.99 -20.11 -5.34
CA LEU A 177 -17.08 -18.67 -5.12
C LEU A 177 -18.39 -18.28 -4.45
N TYR A 178 -19.52 -18.71 -5.04
CA TYR A 178 -20.82 -18.22 -4.61
C TYR A 178 -21.22 -18.75 -3.23
N LEU A 179 -20.84 -19.99 -2.90
CA LEU A 179 -21.17 -20.53 -1.59
C LEU A 179 -20.36 -19.84 -0.50
N SER A 180 -19.09 -19.56 -0.77
CA SER A 180 -18.27 -18.80 0.16
C SER A 180 -18.80 -17.38 0.32
N ILE A 181 -19.29 -16.79 -0.77
CA ILE A 181 -19.82 -15.43 -0.73
C ILE A 181 -21.10 -15.38 0.10
N ILE A 182 -21.99 -16.36 -0.07
CA ILE A 182 -23.23 -16.32 0.71
C ILE A 182 -22.99 -16.73 2.16
N LEU A 183 -21.94 -17.50 2.45
CA LEU A 183 -21.55 -17.70 3.85
C LEU A 183 -21.04 -16.40 4.46
N LEU A 184 -20.27 -15.62 3.69
CA LEU A 184 -19.78 -14.34 4.17
C LEU A 184 -20.93 -13.36 4.39
N LEU A 185 -21.94 -13.38 3.50
CA LEU A 185 -23.11 -12.54 3.67
C LEU A 185 -23.93 -12.96 4.87
N ALA A 186 -24.04 -14.26 5.13
CA ALA A 186 -24.77 -14.73 6.31
C ALA A 186 -24.07 -14.34 7.60
N ILE A 187 -22.75 -14.50 7.65
CA ILE A 187 -22.05 -14.17 8.88
C ILE A 187 -21.97 -12.66 9.08
N THR A 188 -21.94 -11.86 8.00
CA THR A 188 -21.97 -10.42 8.21
C THR A 188 -23.37 -9.91 8.51
N ALA A 189 -24.42 -10.65 8.10
CA ALA A 189 -25.77 -10.29 8.53
C ALA A 189 -25.96 -10.59 10.00
N LEU A 190 -25.40 -11.71 10.48
CA LEU A 190 -25.42 -11.99 11.91
C LEU A 190 -24.60 -10.97 12.69
N TYR A 191 -23.49 -10.50 12.10
CA TYR A 191 -22.65 -9.51 12.77
C TYR A 191 -23.33 -8.15 12.85
N THR A 192 -24.06 -7.75 11.80
CA THR A 192 -24.73 -6.45 11.88
C THR A 192 -26.06 -6.53 12.62
N ILE A 193 -26.64 -7.72 12.80
CA ILE A 193 -27.84 -7.82 13.60
C ILE A 193 -27.51 -8.05 15.07
N THR A 194 -26.26 -8.46 15.37
CA THR A 194 -25.82 -8.52 16.76
C THR A 194 -25.72 -7.13 17.37
N GLY A 195 -25.12 -6.19 16.64
CA GLY A 195 -24.96 -4.84 17.13
C GLY A 195 -23.54 -4.50 17.49
N GLY A 196 -22.58 -5.01 16.70
CA GLY A 196 -21.19 -4.64 16.90
C GLY A 196 -20.82 -3.28 16.34
N LEU A 197 -21.68 -2.71 15.50
CA LEU A 197 -21.39 -1.40 14.92
C LEU A 197 -21.51 -0.29 15.96
N ALA A 198 -22.40 -0.46 16.93
CA ALA A 198 -22.61 0.58 17.94
C ALA A 198 -21.46 0.65 18.93
N ALA A 199 -20.65 -0.40 19.02
CA ALA A 199 -19.48 -0.39 19.90
C ALA A 199 -18.22 -0.59 19.07
N VAL A 200 -18.08 0.15 17.98
CA VAL A 200 -17.04 -0.07 16.99
C VAL A 200 -15.72 0.57 17.47
N ILE A 201 -15.72 1.15 18.66
CA ILE A 201 -14.46 1.53 19.29
C ILE A 201 -13.68 0.30 19.71
N TYR A 202 -14.27 -0.49 20.62
CA TYR A 202 -13.55 -1.59 21.28
C TYR A 202 -13.27 -2.73 20.32
N THR A 203 -14.25 -3.09 19.48
CA THR A 203 -14.07 -4.20 18.55
C THR A 203 -13.00 -3.88 17.50
N ASP A 204 -13.00 -2.65 16.99
CA ASP A 204 -12.01 -2.32 15.97
C ASP A 204 -10.62 -2.14 16.56
N THR A 205 -10.50 -1.57 17.77
CA THR A 205 -9.15 -1.48 18.34
C THR A 205 -8.63 -2.84 18.76
N LEU A 206 -9.52 -3.76 19.15
CA LEU A 206 -9.09 -5.11 19.51
C LEU A 206 -8.69 -5.89 18.27
N GLN A 207 -9.45 -5.76 17.18
CA GLN A 207 -9.12 -6.42 15.93
C GLN A 207 -7.85 -5.87 15.32
N THR A 208 -7.63 -4.56 15.44
CA THR A 208 -6.39 -3.94 14.94
C THR A 208 -5.18 -4.44 15.72
N LEU A 209 -5.28 -4.50 17.06
CA LEU A 209 -4.16 -4.94 17.87
C LEU A 209 -3.85 -6.42 17.63
N ILE A 210 -4.88 -7.26 17.61
CA ILE A 210 -4.70 -8.70 17.41
C ILE A 210 -4.15 -8.99 16.01
N MET A 211 -4.66 -8.28 15.01
CA MET A 211 -4.22 -8.49 13.64
C MET A 211 -2.78 -8.01 13.43
N LEU A 212 -2.40 -6.89 14.06
CA LEU A 212 -1.03 -6.41 13.94
C LEU A 212 -0.05 -7.34 14.64
N ILE A 213 -0.41 -7.84 15.82
CA ILE A 213 0.46 -8.78 16.53
C ILE A 213 0.61 -10.08 15.75
N GLY A 214 -0.50 -10.60 15.21
CA GLY A 214 -0.43 -11.82 14.42
C GLY A 214 0.33 -11.67 13.12
N ALA A 215 0.22 -10.50 12.48
CA ALA A 215 1.00 -10.27 11.26
C ALA A 215 2.47 -10.09 11.56
N LEU A 216 2.82 -9.52 12.71
CA LEU A 216 4.22 -9.48 13.14
C LEU A 216 4.77 -10.87 13.40
N ILE A 217 3.98 -11.74 14.04
CA ILE A 217 4.40 -13.12 14.28
C ILE A 217 4.57 -13.87 12.96
N LEU A 218 3.67 -13.62 12.00
CA LEU A 218 3.80 -14.27 10.70
C LEU A 218 4.99 -13.75 9.91
N MET A 219 5.33 -12.47 10.05
CA MET A 219 6.53 -11.96 9.39
C MET A 219 7.79 -12.57 10.01
N GLY A 220 7.80 -12.72 11.34
CA GLY A 220 8.92 -13.40 11.99
C GLY A 220 9.03 -14.86 11.63
N PHE A 221 7.88 -15.51 11.37
CA PHE A 221 7.90 -16.89 10.88
C PHE A 221 8.37 -16.95 9.44
N ALA A 222 8.02 -15.94 8.65
CA ALA A 222 8.32 -15.95 7.22
C ALA A 222 9.79 -15.70 6.96
N PHE A 223 10.40 -14.75 7.67
CA PHE A 223 11.82 -14.50 7.45
C PHE A 223 12.69 -15.59 8.05
N HIS A 224 12.17 -16.31 9.05
CA HIS A 224 12.89 -17.47 9.58
C HIS A 224 12.86 -18.65 8.62
N GLU A 225 11.87 -18.69 7.72
CA GLU A 225 11.71 -19.84 6.84
C GLU A 225 12.66 -19.77 5.65
N VAL A 226 12.79 -18.59 5.02
CA VAL A 226 13.65 -18.46 3.85
C VAL A 226 15.13 -18.43 4.17
N GLY A 227 15.50 -18.30 5.44
CA GLY A 227 16.90 -18.30 5.80
C GLY A 227 17.49 -16.90 5.91
N GLY A 228 16.87 -16.06 6.72
CA GLY A 228 17.42 -14.74 7.00
C GLY A 228 16.87 -13.70 6.06
N TYR A 229 17.75 -12.87 5.54
CA TYR A 229 17.36 -11.74 4.70
C TYR A 229 18.05 -11.72 3.35
N ASP A 230 19.32 -12.14 3.30
CA ASP A 230 20.05 -12.15 2.03
C ASP A 230 19.54 -13.25 1.10
N ALA A 231 19.16 -14.40 1.66
CA ALA A 231 18.55 -15.45 0.87
C ALA A 231 17.18 -15.02 0.34
N PHE A 232 16.48 -14.17 1.08
CA PHE A 232 15.25 -13.58 0.58
C PHE A 232 15.51 -12.65 -0.59
N MET A 233 16.66 -11.97 -0.59
CA MET A 233 17.00 -11.11 -1.71
C MET A 233 17.36 -11.92 -2.96
N GLU A 234 18.21 -12.93 -2.80
CA GLU A 234 18.70 -13.65 -3.97
C GLU A 234 17.66 -14.65 -4.50
N LYS A 235 16.92 -15.31 -3.61
CA LYS A 235 16.00 -16.35 -4.05
C LYS A 235 14.76 -15.80 -4.73
N TYR A 236 14.44 -14.52 -4.49
CA TYR A 236 13.24 -13.95 -5.12
C TYR A 236 13.46 -13.70 -6.60
N MET A 237 14.69 -13.37 -7.00
CA MET A 237 14.93 -13.11 -8.42
C MET A 237 14.91 -14.38 -9.24
N LYS A 238 15.34 -15.50 -8.67
CA LYS A 238 15.12 -16.81 -9.29
C LYS A 238 13.97 -17.52 -8.58
N ALA A 239 12.76 -16.98 -8.80
CA ALA A 239 11.53 -17.55 -8.28
C ALA A 239 10.52 -17.74 -9.39
N ILE A 240 10.97 -18.34 -10.49
CA ILE A 240 10.12 -18.60 -11.65
C ILE A 240 9.33 -19.88 -11.39
N PRO A 241 8.17 -20.09 -12.06
CA PRO A 241 7.51 -21.40 -11.98
C PRO A 241 8.17 -22.44 -12.87
N THR A 242 7.59 -23.63 -12.92
CA THR A 242 8.15 -24.73 -13.70
C THR A 242 7.22 -25.25 -14.78
N ILE A 243 6.06 -24.63 -14.99
CA ILE A 243 5.06 -25.12 -15.93
C ILE A 243 4.96 -24.07 -17.03
N VAL A 244 6.10 -23.48 -17.39
CA VAL A 244 6.12 -22.35 -18.31
C VAL A 244 5.76 -22.72 -19.74
N SER A 245 5.78 -24.00 -20.11
CA SER A 245 5.53 -24.43 -21.49
C SER A 245 4.16 -25.09 -21.57
N ASP A 246 3.24 -24.43 -22.27
CA ASP A 246 1.90 -24.97 -22.49
C ASP A 246 1.81 -25.65 -23.86
N GLY A 247 2.69 -26.62 -24.07
CA GLY A 247 2.67 -27.38 -25.31
C GLY A 247 3.06 -26.59 -26.54
N ASN A 248 2.07 -26.24 -27.36
CA ASN A 248 2.34 -25.42 -28.53
C ASN A 248 2.59 -23.97 -28.15
N THR A 249 1.72 -23.39 -27.32
CA THR A 249 1.86 -22.02 -26.88
C THR A 249 2.93 -21.95 -25.79
N THR A 250 3.96 -21.16 -26.02
CA THR A 250 5.04 -21.01 -25.04
C THR A 250 5.26 -19.51 -24.81
N PHE A 251 5.19 -19.10 -23.56
CA PHE A 251 5.22 -17.69 -23.21
C PHE A 251 6.63 -17.14 -23.27
N GLN A 252 6.73 -15.82 -23.37
CA GLN A 252 8.02 -15.16 -23.34
C GLN A 252 8.62 -15.23 -21.94
N GLU A 253 9.92 -14.97 -21.85
CA GLU A 253 10.61 -15.05 -20.57
C GLU A 253 10.25 -13.87 -19.66
N LYS A 254 9.73 -12.78 -20.23
CA LYS A 254 9.43 -11.60 -19.43
C LYS A 254 8.15 -11.78 -18.62
N CYS A 255 7.36 -12.80 -18.93
CA CYS A 255 6.10 -13.00 -18.22
C CYS A 255 6.34 -13.57 -16.83
N TYR A 256 7.17 -14.61 -16.72
CA TYR A 256 7.37 -15.30 -15.46
C TYR A 256 8.60 -14.84 -14.68
N THR A 257 9.51 -14.09 -15.30
CA THR A 257 10.62 -13.54 -14.55
C THR A 257 10.09 -12.43 -13.63
N PRO A 258 10.66 -12.28 -12.42
CA PRO A 258 10.10 -11.35 -11.44
C PRO A 258 10.63 -9.93 -11.55
N ARG A 259 10.65 -9.38 -12.78
CA ARG A 259 11.04 -8.01 -13.11
C ARG A 259 12.44 -7.71 -12.58
N ALA A 260 13.46 -8.33 -13.19
CA ALA A 260 14.77 -8.47 -12.55
C ALA A 260 15.48 -7.13 -12.35
N ASP A 261 15.03 -6.08 -13.03
CA ASP A 261 15.61 -4.77 -12.78
C ASP A 261 14.93 -4.08 -11.59
N SER A 262 13.86 -4.66 -11.07
CA SER A 262 12.98 -3.98 -10.13
C SER A 262 13.03 -4.63 -8.75
N PHE A 263 13.89 -4.08 -7.89
CA PHE A 263 13.85 -4.35 -6.46
C PHE A 263 13.81 -3.05 -5.68
N HIS A 264 13.89 -1.90 -6.35
CA HIS A 264 14.03 -0.60 -5.73
C HIS A 264 12.73 0.19 -5.80
N ILE A 265 12.70 1.30 -5.07
CA ILE A 265 11.46 2.05 -4.86
C ILE A 265 11.09 2.84 -6.12
N PHE A 266 12.01 3.67 -6.59
CA PHE A 266 11.71 4.64 -7.64
C PHE A 266 12.07 4.03 -8.99
N ARG A 267 11.05 3.60 -9.73
CA ARG A 267 11.26 3.00 -11.03
C ARG A 267 11.50 4.07 -12.10
N ASP A 268 11.62 3.62 -13.33
CA ASP A 268 11.79 4.53 -14.46
C ASP A 268 10.47 5.26 -14.73
N PRO A 269 10.50 6.56 -14.99
CA PRO A 269 9.25 7.28 -15.22
C PRO A 269 8.56 6.93 -16.52
N LEU A 270 9.30 6.50 -17.55
CA LEU A 270 8.69 6.27 -18.85
C LEU A 270 8.04 4.89 -18.94
N THR A 271 8.84 3.83 -18.84
CA THR A 271 8.39 2.48 -19.16
C THR A 271 8.53 1.53 -17.97
N GLY A 272 8.50 2.07 -16.76
CA GLY A 272 8.56 1.27 -15.55
C GLY A 272 7.20 1.18 -14.90
N ASP A 273 6.88 0.01 -14.36
CA ASP A 273 5.67 -0.16 -13.58
C ASP A 273 5.79 0.64 -12.29
N LEU A 274 4.70 1.32 -11.92
CA LEU A 274 4.61 2.30 -10.82
C LEU A 274 5.69 3.37 -10.93
N PRO A 275 5.59 4.31 -11.87
CA PRO A 275 6.67 5.27 -12.07
C PRO A 275 6.67 6.36 -11.01
N TRP A 276 7.88 6.72 -10.56
CA TRP A 276 8.09 7.59 -9.41
C TRP A 276 7.52 9.01 -9.46
N PRO A 277 7.42 9.76 -10.61
CA PRO A 277 6.68 11.03 -10.53
C PRO A 277 5.19 10.78 -10.41
N GLY A 278 4.73 9.86 -11.27
CA GLY A 278 3.34 9.46 -11.25
C GLY A 278 2.92 8.83 -9.94
N PHE A 279 3.82 8.10 -9.29
CA PHE A 279 3.52 7.47 -8.01
C PHE A 279 3.22 8.50 -6.93
N ILE A 280 4.16 9.42 -6.71
CA ILE A 280 4.01 10.42 -5.65
C ILE A 280 2.84 11.34 -5.93
N PHE A 281 2.73 11.84 -7.17
CA PHE A 281 1.70 12.85 -7.42
C PHE A 281 0.30 12.23 -7.55
N GLY A 282 0.17 11.12 -8.28
CA GLY A 282 -1.13 10.48 -8.40
C GLY A 282 -1.62 9.88 -7.10
N LEU A 283 -0.73 9.27 -6.31
CA LEU A 283 -1.17 8.79 -5.01
C LEU A 283 -1.41 9.92 -4.03
N THR A 284 -0.77 11.08 -4.23
CA THR A 284 -1.07 12.23 -3.40
C THR A 284 -2.48 12.74 -3.66
N ILE A 285 -2.88 12.87 -4.92
CA ILE A 285 -4.24 13.35 -5.18
C ILE A 285 -5.29 12.28 -4.86
N LEU A 286 -4.95 11.00 -4.99
CA LEU A 286 -5.90 9.94 -4.65
C LEU A 286 -6.09 9.82 -3.15
N ALA A 287 -5.01 9.87 -2.37
CA ALA A 287 -5.15 9.86 -0.93
C ALA A 287 -5.68 11.18 -0.40
N LEU A 288 -5.57 12.27 -1.16
CA LEU A 288 -6.23 13.50 -0.78
C LEU A 288 -7.73 13.40 -0.99
N TRP A 289 -8.17 12.65 -2.00
CA TRP A 289 -9.60 12.37 -2.12
C TRP A 289 -10.07 11.44 -1.00
N TYR A 290 -9.33 10.36 -0.77
CA TYR A 290 -9.83 9.30 0.10
C TYR A 290 -9.71 9.66 1.57
N TRP A 291 -8.57 10.17 2.01
CA TRP A 291 -8.32 10.41 3.41
C TRP A 291 -8.82 11.76 3.90
N CYS A 292 -9.53 12.52 3.06
CA CYS A 292 -9.97 13.85 3.51
C CYS A 292 -11.44 14.10 3.24
N THR A 293 -11.97 13.47 2.20
CA THR A 293 -13.32 13.77 1.74
C THR A 293 -14.31 12.63 1.91
N ASP A 294 -13.87 11.47 2.37
CA ASP A 294 -14.74 10.32 2.44
C ASP A 294 -15.68 10.46 3.65
N GLN A 295 -16.95 10.07 3.45
CA GLN A 295 -18.03 10.40 4.37
C GLN A 295 -17.96 9.68 5.70
N VAL A 296 -17.18 8.61 5.81
CA VAL A 296 -17.08 7.87 7.06
C VAL A 296 -15.72 8.08 7.75
N ILE A 297 -14.68 8.45 6.99
CA ILE A 297 -13.36 8.66 7.57
C ILE A 297 -13.34 9.89 8.46
N VAL A 298 -13.87 11.01 7.94
CA VAL A 298 -13.85 12.24 8.72
C VAL A 298 -14.90 12.20 9.84
N GLN A 299 -16.06 11.58 9.57
CA GLN A 299 -17.10 11.43 10.59
C GLN A 299 -16.63 10.51 11.72
N ARG A 300 -15.76 9.56 11.39
CA ARG A 300 -15.12 8.73 12.39
C ARG A 300 -14.21 9.54 13.31
N CYS A 301 -13.60 10.61 12.79
CA CYS A 301 -12.69 11.43 13.57
C CYS A 301 -13.28 12.78 13.96
N LEU A 302 -14.43 13.17 13.41
CA LEU A 302 -15.07 14.40 13.87
C LEU A 302 -15.69 14.20 15.25
N ALA A 303 -16.26 13.02 15.49
CA ALA A 303 -16.79 12.67 16.80
C ALA A 303 -15.61 12.36 17.69
N ALA A 304 -15.12 13.38 18.40
CA ALA A 304 -14.02 13.21 19.34
C ALA A 304 -14.16 14.23 20.46
N LYS A 305 -13.40 14.02 21.53
CA LYS A 305 -13.51 14.86 22.71
C LYS A 305 -12.85 16.21 22.51
N ASN A 306 -11.77 16.28 21.73
CA ASN A 306 -11.03 17.51 21.56
C ASN A 306 -10.26 17.44 20.24
N MET A 307 -9.82 18.61 19.79
CA MET A 307 -9.05 18.68 18.54
C MET A 307 -7.67 18.07 18.72
N SER A 308 -7.08 18.23 19.92
CA SER A 308 -5.79 17.61 20.20
C SER A 308 -5.91 16.09 20.24
N HIS A 309 -7.08 15.57 20.61
CA HIS A 309 -7.33 14.14 20.51
C HIS A 309 -7.32 13.68 19.05
N VAL A 310 -7.90 14.49 18.16
CA VAL A 310 -7.91 14.17 16.74
C VAL A 310 -6.50 14.16 16.16
N LYS A 311 -5.70 15.17 16.53
CA LYS A 311 -4.33 15.23 16.03
C LYS A 311 -3.45 14.12 16.61
N GLY A 312 -3.65 13.77 17.88
CA GLY A 312 -2.91 12.66 18.46
C GLY A 312 -3.31 11.31 17.88
N GLY A 313 -4.60 11.13 17.59
CA GLY A 313 -5.04 9.93 16.92
C GLY A 313 -4.52 9.85 15.49
N CYS A 314 -4.40 11.00 14.82
CA CYS A 314 -3.84 10.99 13.47
C CYS A 314 -2.35 10.68 13.49
N ILE A 315 -1.61 11.13 14.52
CA ILE A 315 -0.19 10.78 14.61
C ILE A 315 -0.01 9.31 14.99
N LEU A 316 -0.88 8.77 15.86
CA LEU A 316 -0.81 7.34 16.19
C LEU A 316 -1.14 6.48 14.96
N ALA A 317 -2.16 6.86 14.21
CA ALA A 317 -2.49 6.17 12.96
C ALA A 317 -1.38 6.35 11.93
N GLY A 318 -0.66 7.47 11.96
CA GLY A 318 0.46 7.64 11.05
C GLY A 318 1.64 6.76 11.41
N TYR A 319 1.88 6.55 12.70
CA TYR A 319 2.87 5.57 13.13
C TYR A 319 2.47 4.16 12.73
N LEU A 320 1.19 3.83 12.83
CA LEU A 320 0.76 2.49 12.45
C LEU A 320 0.69 2.29 10.94
N LYS A 321 0.56 3.36 10.16
CA LYS A 321 0.58 3.30 8.70
C LYS A 321 2.01 3.37 8.14
N LEU A 322 3.01 3.06 8.96
CA LEU A 322 4.39 3.00 8.52
C LEU A 322 4.90 1.56 8.40
N LEU A 323 4.32 0.65 9.17
CA LEU A 323 4.62 -0.77 9.22
C LEU A 323 4.29 -1.63 7.99
N PRO A 324 3.16 -1.42 7.20
CA PRO A 324 2.86 -2.34 6.09
C PRO A 324 3.92 -2.60 5.02
N MET A 325 4.98 -1.79 4.96
CA MET A 325 6.14 -2.18 4.19
C MET A 325 6.83 -3.40 4.80
N PHE A 326 7.17 -3.32 6.09
CA PHE A 326 7.82 -4.47 6.71
C PHE A 326 6.84 -5.55 7.14
N ILE A 327 5.53 -5.34 6.97
CA ILE A 327 4.54 -6.26 7.49
C ILE A 327 3.79 -6.98 6.37
N MET A 328 3.39 -6.27 5.32
CA MET A 328 2.45 -6.84 4.36
C MET A 328 2.92 -6.82 2.91
N VAL A 329 4.16 -6.45 2.63
CA VAL A 329 4.63 -6.49 1.25
C VAL A 329 5.95 -7.25 1.20
N MET A 330 6.63 -7.38 2.34
CA MET A 330 7.77 -8.27 2.39
C MET A 330 7.33 -9.74 2.49
N PRO A 331 6.29 -10.12 3.26
CA PRO A 331 5.75 -11.48 3.10
C PRO A 331 5.15 -11.79 1.74
N GLY A 332 4.78 -10.78 0.96
CA GLY A 332 4.32 -11.03 -0.40
C GLY A 332 5.38 -11.67 -1.27
N MET A 333 6.62 -11.20 -1.16
CA MET A 333 7.72 -11.84 -1.88
C MET A 333 8.18 -13.12 -1.21
N ILE A 334 7.93 -13.28 0.09
CA ILE A 334 8.17 -14.56 0.76
C ILE A 334 7.27 -15.63 0.15
N SER A 335 6.01 -15.29 -0.11
CA SER A 335 5.14 -16.25 -0.78
C SER A 335 5.48 -16.47 -2.25
N ARG A 336 6.23 -15.56 -2.86
CA ARG A 336 6.76 -15.83 -4.19
C ARG A 336 7.92 -16.81 -4.12
N ILE A 337 8.73 -16.70 -3.07
CA ILE A 337 9.89 -17.58 -2.91
C ILE A 337 9.44 -18.98 -2.53
N LEU A 338 8.55 -19.10 -1.54
CA LEU A 338 8.23 -20.40 -0.95
C LEU A 338 7.35 -21.24 -1.86
N PHE A 339 6.30 -20.65 -2.44
CA PHE A 339 5.37 -21.36 -3.30
C PHE A 339 5.34 -20.71 -4.68
N PRO A 340 6.37 -20.91 -5.49
CA PRO A 340 6.38 -20.28 -6.81
C PRO A 340 5.62 -21.07 -7.86
N ASP A 341 4.44 -21.57 -7.50
CA ASP A 341 3.58 -22.24 -8.46
C ASP A 341 2.11 -21.86 -8.33
N LYS A 342 1.66 -21.39 -7.17
CA LYS A 342 0.31 -20.88 -7.00
C LYS A 342 0.27 -19.36 -6.95
N VAL A 343 1.42 -18.70 -6.82
CA VAL A 343 1.49 -17.25 -6.77
C VAL A 343 1.98 -16.66 -8.09
N ALA A 344 2.75 -17.41 -8.88
CA ALA A 344 3.32 -16.89 -10.11
C ALA A 344 2.98 -17.80 -11.28
N CYS A 345 1.69 -18.12 -11.45
CA CYS A 345 1.28 -18.92 -12.59
C CYS A 345 1.39 -18.12 -13.88
N VAL A 346 1.54 -18.83 -15.00
CA VAL A 346 1.54 -18.18 -16.30
C VAL A 346 0.49 -18.84 -17.19
N VAL A 347 0.25 -20.13 -16.98
CA VAL A 347 -0.50 -20.95 -17.92
C VAL A 347 -1.93 -21.14 -17.41
N PRO A 348 -2.95 -20.78 -18.20
CA PRO A 348 -4.30 -20.65 -17.63
C PRO A 348 -4.98 -21.97 -17.35
N SER A 349 -4.60 -23.04 -18.07
CA SER A 349 -5.29 -24.32 -17.92
C SER A 349 -5.08 -24.92 -16.55
N GLU A 350 -3.92 -24.71 -15.95
CA GLU A 350 -3.74 -25.12 -14.56
C GLU A 350 -3.88 -23.95 -13.59
N CYS A 351 -3.79 -22.70 -14.07
CA CYS A 351 -4.01 -21.59 -13.16
C CYS A 351 -5.47 -21.43 -12.77
N GLU A 352 -6.40 -21.90 -13.61
CA GLU A 352 -7.81 -21.80 -13.26
C GLU A 352 -8.22 -22.75 -12.16
N LYS A 353 -7.46 -23.83 -11.94
CA LYS A 353 -7.80 -24.81 -10.92
C LYS A 353 -7.07 -24.57 -9.60
N TYR A 354 -6.05 -23.72 -9.59
CA TYR A 354 -5.31 -23.41 -8.38
C TYR A 354 -5.82 -22.18 -7.66
N CYS A 355 -6.29 -21.19 -8.42
CA CYS A 355 -6.76 -19.93 -7.81
C CYS A 355 -8.11 -19.44 -8.31
N GLY A 356 -8.67 -20.11 -9.33
CA GLY A 356 -9.96 -19.72 -9.86
C GLY A 356 -10.01 -18.60 -10.88
N THR A 357 -8.86 -18.13 -11.35
CA THR A 357 -8.82 -17.06 -12.34
C THR A 357 -8.02 -17.47 -13.56
N LYS A 358 -8.43 -17.01 -14.73
CA LYS A 358 -7.75 -17.35 -15.97
C LYS A 358 -6.30 -16.89 -16.09
N VAL A 359 -6.00 -15.67 -15.65
CA VAL A 359 -4.63 -15.18 -15.77
C VAL A 359 -3.94 -14.56 -14.55
N GLY A 360 -2.72 -15.01 -14.28
CA GLY A 360 -1.87 -14.49 -13.22
C GLY A 360 -2.20 -14.72 -11.76
N CYS A 361 -3.36 -14.24 -11.35
CA CYS A 361 -3.85 -14.33 -9.96
C CYS A 361 -2.80 -14.18 -8.86
N THR A 362 -2.18 -13.02 -8.71
CA THR A 362 -1.24 -12.90 -7.62
C THR A 362 -1.92 -12.52 -6.30
N ASN A 363 -3.25 -12.45 -6.28
CA ASN A 363 -4.01 -11.99 -5.10
C ASN A 363 -3.89 -12.93 -3.91
N ILE A 364 -3.50 -14.18 -4.11
CA ILE A 364 -3.53 -15.17 -3.04
C ILE A 364 -2.15 -15.32 -2.42
N ALA A 365 -1.33 -14.27 -2.51
CA ALA A 365 0.00 -14.32 -1.94
C ALA A 365 -0.05 -14.32 -0.42
N TYR A 366 -0.90 -13.50 0.17
CA TYR A 366 -0.97 -13.48 1.62
C TYR A 366 -1.80 -14.59 2.28
N PRO A 367 -2.98 -15.00 1.79
CA PRO A 367 -3.68 -16.11 2.49
C PRO A 367 -2.97 -17.45 2.39
N THR A 368 -2.23 -17.70 1.30
CA THR A 368 -1.43 -18.90 1.20
C THR A 368 -0.31 -18.91 2.23
N LEU A 369 0.19 -17.74 2.61
CA LEU A 369 1.19 -17.69 3.66
C LEU A 369 0.57 -17.87 5.04
N VAL A 370 -0.68 -17.46 5.23
CA VAL A 370 -1.29 -17.63 6.54
C VAL A 370 -1.66 -19.09 6.77
N VAL A 371 -2.26 -19.74 5.76
CA VAL A 371 -2.71 -21.12 5.96
C VAL A 371 -1.59 -22.15 5.85
N GLU A 372 -0.35 -21.72 5.61
CA GLU A 372 0.76 -22.66 5.51
C GLU A 372 1.90 -22.38 6.48
N LEU A 373 2.10 -21.13 6.90
CA LEU A 373 3.20 -20.77 7.78
C LEU A 373 2.71 -20.28 9.13
N MET A 374 1.70 -20.94 9.68
CA MET A 374 1.23 -20.68 11.03
C MET A 374 0.98 -21.99 11.75
N PRO A 375 1.22 -22.04 13.05
CA PRO A 375 0.76 -23.18 13.84
C PRO A 375 -0.76 -23.13 14.03
N ASN A 376 -1.29 -24.20 14.62
CA ASN A 376 -2.73 -24.33 14.76
C ASN A 376 -3.33 -23.42 15.82
N GLY A 377 -2.51 -22.80 16.66
CA GLY A 377 -3.01 -21.92 17.70
C GLY A 377 -3.19 -20.49 17.26
N LEU A 378 -2.64 -20.13 16.08
CA LEU A 378 -2.80 -18.79 15.53
C LEU A 378 -3.40 -18.77 14.15
N ARG A 379 -3.42 -19.90 13.43
CA ARG A 379 -4.00 -19.93 12.09
C ARG A 379 -5.51 -19.74 12.10
N GLY A 380 -6.16 -20.04 13.22
CA GLY A 380 -7.57 -19.73 13.35
C GLY A 380 -7.77 -18.29 13.78
N LEU A 381 -6.85 -17.79 14.60
CA LEU A 381 -6.95 -16.41 15.07
C LEU A 381 -6.74 -15.43 13.93
N MET A 382 -5.87 -15.75 12.98
CA MET A 382 -5.62 -14.85 11.86
C MET A 382 -6.80 -14.84 10.89
N LEU A 383 -7.34 -16.01 10.55
CA LEU A 383 -8.51 -16.06 9.69
C LEU A 383 -9.78 -15.61 10.40
N ALA A 384 -9.77 -15.46 11.72
CA ALA A 384 -10.89 -14.84 12.40
C ALA A 384 -10.75 -13.32 12.46
N VAL A 385 -9.54 -12.82 12.69
CA VAL A 385 -9.39 -11.37 12.80
C VAL A 385 -9.37 -10.71 11.42
N MET A 386 -8.91 -11.41 10.38
CA MET A 386 -8.96 -10.91 9.01
C MET A 386 -10.31 -11.15 8.36
N LEU A 387 -11.29 -11.64 9.12
CA LEU A 387 -12.68 -11.57 8.73
C LEU A 387 -13.50 -10.64 9.61
N ALA A 388 -13.08 -10.43 10.86
CA ALA A 388 -13.70 -9.38 11.66
C ALA A 388 -13.39 -8.00 11.09
N ALA A 389 -12.14 -7.80 10.64
CA ALA A 389 -11.76 -6.53 10.01
C ALA A 389 -12.34 -6.34 8.62
N LEU A 390 -13.01 -7.36 8.07
CA LEU A 390 -13.75 -7.24 6.82
C LEU A 390 -15.25 -7.08 7.05
N MET A 391 -15.78 -7.76 8.06
CA MET A 391 -17.19 -7.59 8.41
C MET A 391 -17.46 -6.20 8.96
N SER A 392 -16.49 -5.62 9.69
CA SER A 392 -16.66 -4.25 10.15
C SER A 392 -16.60 -3.26 8.98
N SER A 393 -15.68 -3.48 8.04
CA SER A 393 -15.56 -2.63 6.86
C SER A 393 -16.65 -2.87 5.83
N LEU A 394 -17.49 -3.87 6.01
CA LEU A 394 -18.72 -3.99 5.24
C LEU A 394 -19.93 -3.39 5.94
N THR A 395 -20.06 -3.59 7.24
CA THR A 395 -21.20 -3.03 7.96
C THR A 395 -21.06 -1.52 8.18
N SER A 396 -19.87 -0.95 8.01
CA SER A 396 -19.79 0.51 8.00
C SER A 396 -20.26 1.08 6.67
N ILE A 397 -19.82 0.47 5.56
CA ILE A 397 -20.11 1.00 4.24
C ILE A 397 -21.57 0.79 3.87
N PHE A 398 -22.19 -0.30 4.33
CA PHE A 398 -23.61 -0.51 4.05
C PHE A 398 -24.48 0.53 4.75
N ASN A 399 -24.17 0.83 6.02
CA ASN A 399 -24.92 1.84 6.74
C ASN A 399 -24.68 3.23 6.18
N SER A 400 -23.44 3.53 5.79
CA SER A 400 -23.14 4.84 5.22
C SER A 400 -23.81 5.02 3.85
N ALA A 401 -23.87 3.96 3.05
CA ALA A 401 -24.52 4.03 1.75
C ALA A 401 -26.03 4.17 1.89
N SER A 402 -26.62 3.47 2.86
CA SER A 402 -28.06 3.62 3.10
C SER A 402 -28.39 5.02 3.61
N THR A 403 -27.53 5.58 4.47
CA THR A 403 -27.72 6.94 4.94
C THR A 403 -27.63 7.94 3.80
N LEU A 404 -26.63 7.78 2.93
CA LEU A 404 -26.46 8.69 1.78
C LEU A 404 -27.65 8.61 0.83
N PHE A 405 -28.08 7.40 0.51
CA PHE A 405 -29.23 7.21 -0.40
C PHE A 405 -30.51 7.80 0.20
N THR A 406 -30.96 7.26 1.33
CA THR A 406 -32.24 7.67 1.89
C THR A 406 -32.19 8.99 2.66
N MET A 407 -31.07 9.73 2.61
CA MET A 407 -31.06 11.08 3.13
C MET A 407 -30.62 12.11 2.11
N ASP A 408 -30.21 11.71 0.90
CA ASP A 408 -29.79 12.67 -0.10
C ASP A 408 -30.42 12.47 -1.47
N ILE A 409 -31.11 11.37 -1.72
CA ILE A 409 -31.73 11.19 -3.03
C ILE A 409 -33.23 10.93 -2.87
N TYR A 410 -33.57 9.92 -2.08
CA TYR A 410 -34.98 9.58 -1.91
C TYR A 410 -35.73 10.62 -1.09
N ALA A 411 -35.04 11.28 -0.15
CA ALA A 411 -35.66 12.37 0.58
C ALA A 411 -35.75 13.66 -0.24
N LYS A 412 -35.04 13.73 -1.36
CA LYS A 412 -35.11 14.90 -2.24
C LYS A 412 -36.06 14.70 -3.42
N VAL A 413 -36.30 13.45 -3.82
CA VAL A 413 -37.26 13.19 -4.89
C VAL A 413 -38.68 13.16 -4.34
N ARG A 414 -38.92 12.36 -3.30
CA ARG A 414 -40.25 12.26 -2.74
C ARG A 414 -40.60 13.52 -1.93
N LYS A 415 -39.69 13.93 -1.05
CA LYS A 415 -39.79 15.13 -0.19
C LYS A 415 -40.99 15.09 0.74
N ARG A 416 -41.52 13.90 1.04
CA ARG A 416 -42.57 13.72 2.04
C ARG A 416 -42.12 12.83 3.19
N ALA A 417 -41.43 11.74 2.88
CA ALA A 417 -40.68 10.90 3.82
C ALA A 417 -41.58 10.29 4.89
N SER A 418 -42.51 9.44 4.46
CA SER A 418 -43.19 8.55 5.40
C SER A 418 -42.20 7.50 5.88
N GLU A 419 -42.03 7.41 7.21
CA GLU A 419 -40.83 6.81 7.79
C GLU A 419 -40.77 5.30 7.59
N LYS A 420 -41.93 4.63 7.52
CA LYS A 420 -41.93 3.20 7.25
C LYS A 420 -41.45 2.91 5.82
N GLU A 421 -41.90 3.73 4.86
CA GLU A 421 -41.40 3.61 3.50
C GLU A 421 -39.93 3.95 3.43
N LEU A 422 -39.47 4.88 4.27
CA LEU A 422 -38.04 5.21 4.33
C LEU A 422 -37.21 4.02 4.80
N MET A 423 -37.68 3.34 5.84
CA MET A 423 -36.96 2.18 6.36
C MET A 423 -36.96 1.02 5.36
N ILE A 424 -38.11 0.76 4.72
CA ILE A 424 -38.14 -0.37 3.79
C ILE A 424 -37.40 -0.03 2.49
N VAL A 425 -37.31 1.25 2.11
CA VAL A 425 -36.54 1.55 0.91
C VAL A 425 -35.04 1.56 1.24
N GLY A 426 -34.66 1.82 2.49
CA GLY A 426 -33.26 1.64 2.88
C GLY A 426 -32.86 0.17 2.85
N ARG A 427 -33.71 -0.69 3.39
CA ARG A 427 -33.41 -2.13 3.38
C ARG A 427 -33.40 -2.69 1.97
N LEU A 428 -34.37 -2.31 1.14
CA LEU A 428 -34.38 -2.74 -0.26
C LEU A 428 -33.20 -2.17 -1.04
N PHE A 429 -32.74 -0.97 -0.67
CA PHE A 429 -31.58 -0.38 -1.32
C PHE A 429 -30.31 -1.16 -1.00
N VAL A 430 -30.12 -1.55 0.26
CA VAL A 430 -28.89 -2.29 0.57
C VAL A 430 -28.95 -3.72 0.03
N LEU A 431 -30.16 -4.28 -0.11
CA LEU A 431 -30.27 -5.57 -0.81
C LEU A 431 -29.94 -5.44 -2.29
N PHE A 432 -30.39 -4.36 -2.93
CA PHE A 432 -29.99 -4.08 -4.31
C PHE A 432 -28.49 -3.85 -4.43
N LEU A 433 -27.88 -3.23 -3.42
CA LEU A 433 -26.45 -2.99 -3.40
C LEU A 433 -25.68 -4.30 -3.35
N VAL A 434 -26.13 -5.25 -2.52
CA VAL A 434 -25.53 -6.58 -2.50
C VAL A 434 -25.71 -7.28 -3.84
N VAL A 435 -26.88 -7.13 -4.47
CA VAL A 435 -27.17 -7.81 -5.74
C VAL A 435 -26.25 -7.32 -6.86
N VAL A 436 -26.00 -6.02 -6.92
CA VAL A 436 -25.07 -5.52 -7.94
C VAL A 436 -23.62 -5.83 -7.57
N SER A 437 -23.30 -5.78 -6.27
CA SER A 437 -21.93 -5.98 -5.84
C SER A 437 -21.46 -7.42 -6.02
N ILE A 438 -22.38 -8.40 -5.96
CA ILE A 438 -21.98 -9.77 -6.25
C ILE A 438 -21.72 -9.94 -7.74
N ALA A 439 -22.57 -9.35 -8.59
CA ALA A 439 -22.44 -9.48 -10.03
C ALA A 439 -21.23 -8.74 -10.58
N TRP A 440 -20.70 -7.76 -9.84
CA TRP A 440 -19.52 -7.03 -10.32
C TRP A 440 -18.22 -7.83 -10.14
N ILE A 441 -18.26 -8.97 -9.45
CA ILE A 441 -17.02 -9.66 -9.07
C ILE A 441 -16.21 -10.26 -10.22
N PRO A 442 -16.78 -10.94 -11.22
CA PRO A 442 -15.93 -11.48 -12.31
C PRO A 442 -15.24 -10.43 -13.19
N ILE A 443 -15.57 -9.15 -13.04
CA ILE A 443 -14.70 -8.11 -13.59
C ILE A 443 -13.54 -7.85 -12.65
N VAL A 444 -13.76 -7.98 -11.34
CA VAL A 444 -12.74 -7.63 -10.35
C VAL A 444 -11.65 -8.69 -10.31
N GLN A 445 -12.04 -9.96 -10.36
CA GLN A 445 -11.06 -11.03 -10.19
C GLN A 445 -10.17 -11.24 -11.42
N SER A 446 -10.45 -10.58 -12.54
CA SER A 446 -9.57 -10.64 -13.70
C SER A 446 -9.44 -9.28 -14.37
N ALA A 447 -9.61 -8.20 -13.61
CA ALA A 447 -9.64 -6.85 -14.18
C ALA A 447 -8.28 -6.39 -14.69
N GLN A 448 -7.30 -6.23 -13.82
CA GLN A 448 -6.01 -5.66 -14.19
C GLN A 448 -4.93 -6.71 -13.99
N SER A 449 -4.77 -7.60 -14.98
CA SER A 449 -3.68 -8.58 -15.08
C SER A 449 -3.54 -9.48 -13.86
N GLY A 450 -4.63 -9.67 -13.11
CA GLY A 450 -4.58 -10.50 -11.94
C GLY A 450 -4.64 -9.74 -10.63
N GLN A 451 -4.04 -8.55 -10.57
CA GLN A 451 -3.85 -7.85 -9.31
C GLN A 451 -5.16 -7.29 -8.78
N LEU A 452 -5.10 -6.72 -7.58
CA LEU A 452 -6.27 -6.11 -6.95
C LEU A 452 -5.98 -4.67 -6.57
N PHE A 453 -4.73 -4.39 -6.17
CA PHE A 453 -4.30 -3.02 -5.95
C PHE A 453 -4.37 -2.23 -7.26
N ASP A 454 -3.99 -2.85 -8.37
CA ASP A 454 -4.08 -2.27 -9.69
C ASP A 454 -5.49 -2.22 -10.23
N TYR A 455 -6.49 -2.66 -9.47
CA TYR A 455 -7.88 -2.40 -9.78
C TYR A 455 -8.45 -1.28 -8.94
N ILE A 456 -8.14 -1.28 -7.64
CA ILE A 456 -8.62 -0.23 -6.73
C ILE A 456 -8.07 1.12 -7.14
N GLN A 457 -6.77 1.18 -7.45
CA GLN A 457 -6.21 2.45 -7.90
C GLN A 457 -6.68 2.80 -9.31
N SER A 458 -6.89 1.80 -10.18
CA SER A 458 -7.32 2.09 -11.53
C SER A 458 -8.78 2.51 -11.63
N VAL A 459 -9.57 2.28 -10.59
CA VAL A 459 -10.96 2.74 -10.62
C VAL A 459 -11.06 4.03 -9.81
N SER A 460 -10.23 4.17 -8.78
CA SER A 460 -10.21 5.43 -8.04
C SER A 460 -9.61 6.56 -8.87
N SER A 461 -8.67 6.25 -9.76
CA SER A 461 -8.01 7.28 -10.55
C SER A 461 -8.88 7.87 -11.64
N TYR A 462 -9.97 7.21 -12.01
CA TYR A 462 -10.80 7.71 -13.09
C TYR A 462 -11.98 8.53 -12.57
N LEU A 463 -12.25 8.50 -11.28
CA LEU A 463 -13.40 9.17 -10.70
C LEU A 463 -13.09 10.05 -9.49
N ALA A 464 -11.95 9.88 -8.83
CA ALA A 464 -11.53 10.71 -7.69
C ALA A 464 -10.85 12.06 -7.98
N PRO A 465 -9.96 12.24 -8.97
CA PRO A 465 -9.29 13.55 -9.14
C PRO A 465 -10.21 14.71 -9.53
N PRO A 466 -11.33 14.51 -10.25
CA PRO A 466 -12.30 15.62 -10.34
C PRO A 466 -12.84 16.09 -8.99
N VAL A 467 -13.19 15.17 -8.10
CA VAL A 467 -13.69 15.53 -6.78
C VAL A 467 -12.59 16.20 -5.95
N ALA A 468 -11.35 15.73 -6.09
CA ALA A 468 -10.24 16.33 -5.37
C ALA A 468 -9.95 17.74 -5.86
N ALA A 469 -9.99 17.96 -7.18
CA ALA A 469 -9.74 19.29 -7.74
C ALA A 469 -10.83 20.27 -7.36
N VAL A 470 -12.08 19.83 -7.41
CA VAL A 470 -13.20 20.70 -7.07
C VAL A 470 -13.19 21.05 -5.59
N PHE A 471 -12.82 20.09 -4.74
CA PHE A 471 -12.71 20.35 -3.31
C PHE A 471 -11.58 21.34 -2.99
N LEU A 472 -10.43 21.16 -3.64
CA LEU A 472 -9.29 22.04 -3.38
C LEU A 472 -9.56 23.46 -3.86
N LEU A 473 -10.10 23.61 -5.07
CA LEU A 473 -10.39 24.95 -5.57
C LEU A 473 -11.62 25.56 -4.90
N ALA A 474 -12.49 24.76 -4.29
CA ALA A 474 -13.58 25.31 -3.52
C ALA A 474 -13.09 25.84 -2.18
N ILE A 475 -12.06 25.21 -1.61
CA ILE A 475 -11.54 25.71 -0.34
C ILE A 475 -10.64 26.91 -0.54
N PHE A 476 -9.67 26.83 -1.45
CA PHE A 476 -8.56 27.77 -1.38
C PHE A 476 -8.70 29.00 -2.25
N TRP A 477 -9.28 28.89 -3.44
CA TRP A 477 -9.23 30.00 -4.38
C TRP A 477 -10.29 31.06 -4.09
N LYS A 478 -11.48 30.65 -3.65
CA LYS A 478 -12.58 31.45 -3.10
C LYS A 478 -13.31 32.30 -4.14
N ARG A 479 -12.81 32.41 -5.36
CA ARG A 479 -13.59 32.97 -6.46
C ARG A 479 -14.08 31.83 -7.35
N VAL A 480 -14.99 31.04 -6.81
CA VAL A 480 -15.59 29.93 -7.53
C VAL A 480 -17.10 29.93 -7.27
N ASN A 481 -17.88 29.72 -8.31
CA ASN A 481 -19.33 29.68 -8.22
C ASN A 481 -19.84 28.29 -8.57
N GLU A 482 -21.14 28.11 -8.37
CA GLU A 482 -21.76 26.79 -8.54
C GLU A 482 -21.81 26.38 -10.01
N GLN A 483 -21.84 27.34 -10.93
CA GLN A 483 -21.84 27.00 -12.35
C GLN A 483 -20.50 26.49 -12.82
N GLY A 484 -19.42 26.77 -12.09
CA GLY A 484 -18.10 26.34 -12.51
C GLY A 484 -17.72 24.97 -12.00
N ALA A 485 -17.96 24.73 -10.70
CA ALA A 485 -17.54 23.49 -10.08
C ALA A 485 -18.35 22.31 -10.61
N PHE A 486 -19.65 22.52 -10.85
CA PHE A 486 -20.47 21.43 -11.36
C PHE A 486 -20.08 21.05 -12.78
N TRP A 487 -19.79 22.04 -13.63
CA TRP A 487 -19.42 21.70 -15.00
C TRP A 487 -18.01 21.15 -15.09
N GLY A 488 -17.13 21.56 -14.18
CA GLY A 488 -15.84 20.91 -14.08
C GLY A 488 -15.96 19.45 -13.66
N LEU A 489 -16.85 19.17 -12.70
CA LEU A 489 -17.12 17.80 -12.29
C LEU A 489 -17.70 16.97 -13.43
N ILE A 490 -18.61 17.56 -14.21
CA ILE A 490 -19.24 16.82 -15.30
C ILE A 490 -18.24 16.54 -16.42
N LEU A 491 -17.36 17.50 -16.74
CA LEU A 491 -16.35 17.24 -17.76
C LEU A 491 -15.32 16.23 -17.29
N GLY A 492 -14.96 16.26 -16.00
CA GLY A 492 -14.08 15.24 -15.46
C GLY A 492 -14.70 13.86 -15.49
N LEU A 493 -16.01 13.77 -15.22
CA LEU A 493 -16.70 12.50 -15.35
C LEU A 493 -16.78 12.05 -16.80
N LEU A 494 -17.05 12.97 -17.73
CA LEU A 494 -17.15 12.63 -19.14
C LEU A 494 -15.83 12.19 -19.74
N LEU A 495 -14.71 12.58 -19.15
CA LEU A 495 -13.44 12.02 -19.60
C LEU A 495 -13.10 10.72 -18.86
N GLY A 496 -13.23 10.70 -17.53
CA GLY A 496 -12.79 9.56 -16.75
C GLY A 496 -13.66 8.33 -16.93
N LEU A 497 -14.99 8.51 -16.96
CA LEU A 497 -15.89 7.40 -17.18
C LEU A 497 -15.79 6.88 -18.61
N SER A 498 -15.44 7.73 -19.57
CA SER A 498 -15.15 7.28 -20.92
C SER A 498 -13.91 6.39 -20.95
N ARG A 499 -12.86 6.81 -20.23
CA ARG A 499 -11.66 5.97 -20.13
C ARG A 499 -11.94 4.66 -19.41
N LEU A 500 -12.80 4.70 -18.38
CA LEU A 500 -13.13 3.50 -17.61
C LEU A 500 -13.93 2.51 -18.43
N ILE A 501 -14.92 3.00 -19.19
CA ILE A 501 -15.73 2.12 -20.03
C ILE A 501 -14.91 1.58 -21.18
N LEU A 502 -14.03 2.39 -21.76
CA LEU A 502 -13.17 1.92 -22.83
C LEU A 502 -12.11 0.94 -22.33
N GLU A 503 -11.73 1.03 -21.06
CA GLU A 503 -10.75 0.12 -20.50
C GLU A 503 -11.34 -1.25 -20.22
N PHE A 504 -12.43 -1.30 -19.46
CA PHE A 504 -12.99 -2.57 -19.01
C PHE A 504 -13.73 -3.32 -20.11
N ALA A 505 -14.09 -2.66 -21.21
CA ALA A 505 -14.65 -3.37 -22.34
C ALA A 505 -13.58 -4.02 -23.20
N TYR A 506 -12.32 -3.63 -22.98
CA TYR A 506 -11.19 -4.20 -23.71
C TYR A 506 -10.27 -4.97 -22.76
N GLY A 507 -9.64 -4.26 -21.83
CA GLY A 507 -8.75 -4.86 -20.86
C GLY A 507 -7.28 -4.83 -21.24
N THR A 508 -6.41 -4.88 -20.24
CA THR A 508 -4.97 -4.87 -20.46
C THR A 508 -4.43 -6.08 -21.22
N GLY A 509 -4.93 -7.26 -20.88
CA GLY A 509 -4.51 -8.50 -21.52
C GLY A 509 -3.26 -9.13 -20.94
N SER A 510 -2.89 -10.27 -21.51
CA SER A 510 -1.71 -11.02 -21.09
C SER A 510 -0.42 -10.42 -21.63
N CYS A 511 0.73 -10.88 -21.13
CA CYS A 511 2.01 -10.36 -21.58
C CYS A 511 2.18 -10.59 -23.08
N MET A 512 1.82 -11.80 -23.53
CA MET A 512 1.94 -12.15 -24.95
C MET A 512 1.02 -11.36 -25.90
N GLU A 513 -0.22 -11.14 -25.48
CA GLU A 513 -1.19 -10.43 -26.32
C GLU A 513 -1.49 -9.01 -25.86
N PRO A 514 -1.02 -8.01 -26.63
CA PRO A 514 -1.24 -6.59 -26.33
C PRO A 514 -2.71 -6.20 -26.40
N SER A 515 -3.10 -5.20 -25.62
CA SER A 515 -4.49 -4.73 -25.61
C SER A 515 -4.89 -4.08 -26.93
N ASN A 516 -6.14 -4.28 -27.32
CA ASN A 516 -6.67 -3.70 -28.55
C ASN A 516 -7.48 -2.45 -28.27
N CYS A 517 -6.79 -1.39 -27.84
CA CYS A 517 -7.40 -0.13 -27.51
C CYS A 517 -6.72 1.01 -28.27
N PRO A 518 -7.43 2.12 -28.51
CA PRO A 518 -6.76 3.33 -29.01
C PRO A 518 -5.77 3.84 -27.97
N THR A 519 -4.48 3.77 -28.33
CA THR A 519 -3.43 3.77 -27.32
C THR A 519 -3.26 5.12 -26.66
N ILE A 520 -3.70 6.20 -27.33
CA ILE A 520 -3.43 7.56 -26.86
C ILE A 520 -4.30 7.89 -25.65
N ILE A 521 -5.40 7.17 -25.47
CA ILE A 521 -6.24 7.32 -24.29
C ILE A 521 -6.25 6.02 -23.48
N CYS A 522 -5.76 4.93 -24.06
CA CYS A 522 -5.77 3.66 -23.34
C CYS A 522 -4.52 3.49 -22.49
N GLY A 523 -3.34 3.57 -23.11
CA GLY A 523 -2.18 3.02 -22.46
C GLY A 523 -1.07 3.97 -22.06
N VAL A 524 -1.37 5.16 -21.54
CA VAL A 524 -0.29 5.99 -21.03
C VAL A 524 0.18 5.49 -19.67
N HIS A 525 -0.69 5.60 -18.63
CA HIS A 525 -0.72 4.88 -17.36
C HIS A 525 -1.89 5.44 -16.58
N TYR A 526 -2.43 4.69 -15.64
CA TYR A 526 -3.57 5.17 -14.87
C TYR A 526 -3.17 6.05 -13.69
N LEU A 527 -1.91 6.46 -13.60
CA LEU A 527 -1.50 7.44 -12.60
C LEU A 527 -1.22 8.76 -13.31
N TYR A 528 -0.58 8.66 -14.47
CA TYR A 528 -0.41 9.79 -15.37
C TYR A 528 -1.77 10.31 -15.81
N PHE A 529 -2.72 9.40 -16.04
CA PHE A 529 -4.07 9.84 -16.36
C PHE A 529 -4.74 10.51 -15.17
N ALA A 530 -4.39 10.11 -13.95
CA ALA A 530 -4.96 10.77 -12.77
C ALA A 530 -4.45 12.19 -12.64
N ILE A 531 -3.15 12.40 -12.88
CA ILE A 531 -2.60 13.76 -12.83
C ILE A 531 -3.17 14.62 -13.95
N ILE A 532 -3.31 14.04 -15.16
CA ILE A 532 -3.85 14.77 -16.30
C ILE A 532 -5.31 15.14 -16.06
N LEU A 533 -6.09 14.22 -15.48
CA LEU A 533 -7.49 14.50 -15.19
C LEU A 533 -7.65 15.54 -14.09
N PHE A 534 -6.75 15.52 -13.09
CA PHE A 534 -6.78 16.52 -12.04
C PHE A 534 -6.49 17.91 -12.59
N ALA A 535 -5.46 18.03 -13.42
CA ALA A 535 -5.10 19.32 -14.00
C ALA A 535 -6.17 19.83 -14.97
N ILE A 536 -6.74 18.92 -15.77
CA ILE A 536 -7.78 19.30 -16.73
C ILE A 536 -9.04 19.75 -16.03
N SER A 537 -9.44 19.04 -14.97
CA SER A 537 -10.63 19.43 -14.21
C SER A 537 -10.42 20.75 -13.49
N GLY A 538 -9.21 20.98 -12.95
CA GLY A 538 -8.94 22.25 -12.29
C GLY A 538 -8.94 23.43 -13.26
N ILE A 539 -8.34 23.24 -14.44
CA ILE A 539 -8.32 24.30 -15.45
C ILE A 539 -9.73 24.59 -15.96
N VAL A 540 -10.53 23.54 -16.17
CA VAL A 540 -11.89 23.72 -16.68
C VAL A 540 -12.77 24.43 -15.65
N THR A 541 -12.68 24.05 -14.38
CA THR A 541 -13.54 24.74 -13.41
C THR A 541 -13.05 26.16 -13.13
N VAL A 542 -11.74 26.44 -13.28
CA VAL A 542 -11.32 27.81 -13.06
C VAL A 542 -11.68 28.68 -14.26
N VAL A 543 -11.73 28.11 -15.47
CA VAL A 543 -12.16 28.86 -16.64
C VAL A 543 -13.65 29.17 -16.57
N VAL A 544 -14.46 28.17 -16.22
CA VAL A 544 -15.90 28.38 -16.18
C VAL A 544 -16.28 29.27 -14.99
N SER A 545 -15.52 29.23 -13.89
CA SER A 545 -15.80 30.15 -12.79
C SER A 545 -15.28 31.56 -13.06
N LEU A 546 -14.27 31.72 -13.91
CA LEU A 546 -13.83 33.07 -14.25
C LEU A 546 -14.68 33.71 -15.34
N LEU A 547 -15.37 32.91 -16.17
CA LEU A 547 -16.25 33.49 -17.16
C LEU A 547 -17.50 34.09 -16.51
N THR A 548 -18.23 33.29 -15.74
CA THR A 548 -19.52 33.72 -15.21
C THR A 548 -19.34 34.57 -13.96
N LYS A 549 -20.45 34.82 -13.25
CA LYS A 549 -20.57 35.71 -12.11
C LYS A 549 -19.80 35.18 -10.90
N PRO A 550 -19.31 36.07 -10.03
CA PRO A 550 -18.63 35.63 -8.81
C PRO A 550 -19.64 35.43 -7.68
N ILE A 551 -19.11 35.06 -6.53
CA ILE A 551 -19.90 34.76 -5.32
C ILE A 551 -19.63 35.86 -4.30
N PRO A 552 -20.65 36.47 -3.71
CA PRO A 552 -20.42 37.54 -2.74
C PRO A 552 -19.80 37.04 -1.45
N ASP A 553 -18.82 37.80 -0.95
CA ASP A 553 -18.06 37.46 0.25
C ASP A 553 -18.88 37.55 1.53
N VAL A 554 -20.08 38.14 1.49
CA VAL A 554 -20.80 38.48 2.71
C VAL A 554 -21.44 37.28 3.39
N HIS A 555 -21.39 36.09 2.80
CA HIS A 555 -21.90 34.90 3.50
C HIS A 555 -20.97 33.71 3.28
N LEU A 556 -19.67 33.95 3.21
CA LEU A 556 -18.64 32.92 3.11
C LEU A 556 -17.54 33.17 4.14
N TYR A 557 -17.95 33.35 5.40
CA TYR A 557 -17.05 33.89 6.41
C TYR A 557 -16.28 32.82 7.17
N ARG A 558 -17.00 31.88 7.79
CA ARG A 558 -16.33 30.83 8.56
C ARG A 558 -15.55 29.89 7.66
N LEU A 559 -16.19 29.41 6.61
CA LEU A 559 -15.61 28.45 5.69
C LEU A 559 -14.75 29.14 4.64
N CYS A 560 -14.08 28.32 3.83
CA CYS A 560 -13.32 28.75 2.65
C CYS A 560 -12.15 29.66 3.02
N TRP A 561 -11.33 29.19 3.97
CA TRP A 561 -10.03 29.77 4.34
C TRP A 561 -10.15 31.23 4.79
N SER A 562 -10.91 31.42 5.88
CA SER A 562 -11.09 32.72 6.50
C SER A 562 -11.49 32.50 7.94
N LEU A 563 -11.06 33.43 8.81
CA LEU A 563 -11.23 33.28 10.25
C LEU A 563 -12.07 34.41 10.86
N ARG A 564 -12.95 35.02 10.07
CA ARG A 564 -13.75 36.13 10.57
C ARG A 564 -14.87 35.62 11.48
N ASN A 565 -15.51 36.56 12.16
CA ASN A 565 -16.52 36.24 13.16
C ASN A 565 -17.87 36.89 12.87
N SER A 566 -18.18 37.14 11.61
CA SER A 566 -19.47 37.70 11.22
C SER A 566 -20.38 36.61 10.65
N LYS A 567 -21.68 36.88 10.68
CA LYS A 567 -22.68 35.86 10.36
C LYS A 567 -22.75 35.61 8.86
N GLU A 568 -23.61 34.66 8.48
CA GLU A 568 -23.77 34.26 7.09
C GLU A 568 -25.15 33.67 6.89
N GLU A 569 -25.57 33.59 5.63
CA GLU A 569 -26.79 32.89 5.27
C GLU A 569 -26.61 32.22 3.92
N ARG A 570 -26.96 30.93 3.85
CA ARG A 570 -26.71 30.13 2.66
C ARG A 570 -27.58 28.89 2.71
N ILE A 571 -28.04 28.46 1.52
CA ILE A 571 -28.85 27.26 1.29
C ILE A 571 -30.14 27.26 2.11
N MET A 630 -21.11 17.87 25.42
CA MET A 630 -21.32 18.47 24.11
C MET A 630 -20.23 18.05 23.12
N LYS A 631 -20.48 18.27 21.84
CA LYS A 631 -19.50 17.94 20.82
C LYS A 631 -18.50 19.07 20.66
N MET A 632 -17.49 18.84 19.82
CA MET A 632 -16.50 19.87 19.54
C MET A 632 -17.07 20.91 18.58
N THR A 633 -16.80 22.19 18.88
CA THR A 633 -17.09 23.27 17.95
C THR A 633 -15.93 24.27 18.03
N ASP A 634 -14.72 23.75 18.08
CA ASP A 634 -13.53 24.57 18.25
C ASP A 634 -12.34 23.85 17.60
N THR A 635 -11.22 24.56 17.51
CA THR A 635 -9.94 23.96 17.14
C THR A 635 -8.90 24.19 18.24
N SER A 636 -9.35 24.51 19.45
CA SER A 636 -8.46 25.00 20.50
C SER A 636 -7.90 23.85 21.32
N GLU A 637 -6.72 24.10 21.90
CA GLU A 637 -6.08 23.19 22.83
C GLU A 637 -5.12 24.00 23.69
N LYS A 638 -4.55 23.35 24.70
CA LYS A 638 -3.57 23.99 25.54
C LYS A 638 -2.28 24.23 24.76
N PRO A 639 -1.56 25.32 25.04
CA PRO A 639 -0.35 25.64 24.25
C PRO A 639 0.79 24.66 24.44
N LEU A 640 0.82 23.91 25.53
CA LEU A 640 1.83 22.86 25.68
C LEU A 640 1.49 21.67 24.78
N TRP A 641 0.21 21.30 24.73
CA TRP A 641 -0.18 20.14 23.93
C TRP A 641 -0.05 20.42 22.44
N ARG A 642 -0.28 21.66 22.01
CA ARG A 642 -0.01 22.04 20.62
C ARG A 642 1.46 21.90 20.29
N THR A 643 2.33 22.22 21.27
CA THR A 643 3.77 22.10 21.06
C THR A 643 4.20 20.64 20.93
N VAL A 644 3.70 19.77 21.82
CA VAL A 644 4.12 18.38 21.74
C VAL A 644 3.51 17.69 20.52
N LEU A 645 2.32 18.12 20.08
CA LEU A 645 1.76 17.57 18.84
C LEU A 645 2.54 18.02 17.61
N ASN A 646 3.04 19.27 17.61
CA ASN A 646 3.84 19.72 16.48
C ASN A 646 5.19 19.02 16.43
N ILE A 647 5.82 18.80 17.59
CA ILE A 647 7.09 18.06 17.60
C ILE A 647 6.88 16.60 17.21
N ASN A 648 5.76 16.00 17.62
CA ASN A 648 5.50 14.62 17.21
C ASN A 648 5.20 14.51 15.72
N ALA A 649 4.53 15.52 15.14
CA ALA A 649 4.27 15.49 13.70
C ALA A 649 5.54 15.70 12.89
N ILE A 650 6.41 16.61 13.33
CA ILE A 650 7.66 16.79 12.59
C ILE A 650 8.60 15.61 12.81
N LEU A 651 8.48 14.91 13.94
CA LEU A 651 9.26 13.69 14.13
C LEU A 651 8.74 12.56 13.25
N LEU A 652 7.41 12.50 13.06
CA LEU A 652 6.84 11.49 12.18
C LEU A 652 7.23 11.75 10.73
N LEU A 653 7.26 13.02 10.31
CA LEU A 653 7.79 13.33 8.98
C LEU A 653 9.27 13.02 8.87
N ALA A 654 10.03 13.19 9.96
CA ALA A 654 11.45 12.85 9.93
C ALA A 654 11.65 11.34 9.78
N VAL A 655 10.85 10.54 10.47
CA VAL A 655 10.98 9.08 10.37
C VAL A 655 10.51 8.60 8.99
N ALA A 656 9.45 9.21 8.45
CA ALA A 656 8.97 8.83 7.13
C ALA A 656 9.96 9.19 6.04
N ILE A 657 10.56 10.39 6.11
CA ILE A 657 11.55 10.75 5.12
C ILE A 657 12.84 9.99 5.35
N PHE A 658 13.08 9.47 6.57
CA PHE A 658 14.21 8.58 6.79
C PHE A 658 13.99 7.24 6.11
N CYS A 659 12.78 6.70 6.19
CA CYS A 659 12.49 5.44 5.51
C CYS A 659 12.52 5.61 3.99
N TRP A 660 12.02 6.74 3.50
CA TRP A 660 12.10 7.07 2.08
C TRP A 660 13.55 7.18 1.62
N GLY A 661 14.35 7.95 2.36
CA GLY A 661 15.74 8.16 1.98
C GLY A 661 16.63 6.97 2.23
N TYR A 662 16.20 6.03 3.07
CA TYR A 662 16.93 4.78 3.17
C TYR A 662 16.62 3.89 1.98
N PHE A 663 15.33 3.58 1.75
CA PHE A 663 14.97 2.62 0.73
C PHE A 663 15.18 3.11 -0.69
N ALA A 664 15.46 4.40 -0.89
CA ALA A 664 15.83 4.91 -2.20
C ALA A 664 17.32 5.00 -2.41
N SER A 665 18.11 5.18 -1.34
CA SER A 665 19.55 5.32 -1.48
C SER A 665 20.21 4.00 -1.85
N ASN A 666 19.95 2.96 -1.06
CA ASN A 666 20.50 1.64 -1.37
C ASN A 666 19.50 0.89 -2.23
N SER A 667 20.00 0.28 -3.31
CA SER A 667 19.15 -0.27 -4.35
C SER A 667 19.97 -1.27 -5.14
N LEU A 668 19.52 -2.52 -5.17
CA LEU A 668 20.29 -3.58 -5.78
C LEU A 668 20.07 -3.61 -7.29
N GLU A 669 21.16 -3.72 -8.04
CA GLU A 669 21.10 -3.87 -9.49
C GLU A 669 21.73 -5.19 -9.90
N VAL A 670 21.15 -5.82 -10.91
CA VAL A 670 21.57 -7.15 -11.32
C VAL A 670 22.51 -7.05 -12.52
N LEU A 671 23.20 -8.14 -12.78
CA LEU A 671 24.23 -8.19 -13.81
C LEU A 671 23.70 -8.85 -15.08
N PHE A 672 24.50 -8.76 -16.14
CA PHE A 672 24.16 -9.35 -17.43
C PHE A 672 24.78 -10.73 -17.59
N VAL B 4 26.96 -16.52 -3.89
CA VAL B 4 26.69 -17.02 -2.55
C VAL B 4 28.00 -17.39 -1.87
N GLN B 5 29.06 -17.47 -2.66
CA GLN B 5 30.37 -17.87 -2.16
C GLN B 5 31.44 -17.04 -2.86
N LEU B 6 32.52 -16.76 -2.14
CA LEU B 6 33.58 -15.86 -2.61
C LEU B 6 34.83 -16.69 -2.88
N GLN B 7 34.95 -17.16 -4.12
CA GLN B 7 36.14 -17.92 -4.52
C GLN B 7 37.33 -16.99 -4.68
N GLU B 8 38.45 -17.36 -4.06
CA GLU B 8 39.64 -16.52 -4.06
C GLU B 8 40.87 -17.37 -4.34
N SER B 9 41.91 -16.72 -4.84
CA SER B 9 43.17 -17.38 -5.19
C SER B 9 44.27 -16.32 -5.18
N GLY B 10 45.44 -16.70 -5.71
CA GLY B 10 46.52 -15.78 -5.97
C GLY B 10 47.60 -15.73 -4.91
N GLY B 11 47.26 -16.03 -3.66
CA GLY B 11 48.22 -15.88 -2.58
C GLY B 11 49.24 -17.01 -2.54
N GLY B 12 50.42 -16.69 -2.03
CA GLY B 12 51.50 -17.66 -1.93
C GLY B 12 52.73 -17.13 -1.24
N LEU B 13 53.91 -17.54 -1.70
CA LEU B 13 55.18 -17.10 -1.14
C LEU B 13 56.00 -16.37 -2.20
N VAL B 14 56.66 -15.29 -1.77
CA VAL B 14 57.54 -14.53 -2.63
C VAL B 14 58.54 -13.81 -1.73
N GLN B 15 59.67 -13.41 -2.29
CA GLN B 15 60.66 -12.65 -1.53
C GLN B 15 60.22 -11.20 -1.38
N ALA B 16 61.00 -10.44 -0.62
CA ALA B 16 60.71 -9.03 -0.42
C ALA B 16 60.95 -8.25 -1.71
N GLY B 17 60.16 -7.20 -1.90
CA GLY B 17 60.22 -6.40 -3.10
C GLY B 17 59.43 -6.93 -4.27
N GLY B 18 58.82 -8.10 -4.15
CA GLY B 18 58.05 -8.69 -5.22
C GLY B 18 56.66 -8.10 -5.33
N SER B 19 55.83 -8.78 -6.13
CA SER B 19 54.47 -8.30 -6.38
C SER B 19 53.60 -9.49 -6.78
N LEU B 20 52.41 -9.54 -6.18
CA LEU B 20 51.43 -10.57 -6.49
C LEU B 20 50.09 -9.91 -6.79
N ARG B 21 49.20 -10.68 -7.40
CA ARG B 21 47.85 -10.24 -7.70
C ARG B 21 46.87 -11.14 -6.96
N LEU B 22 45.97 -10.52 -6.21
CA LEU B 22 44.95 -11.24 -5.46
C LEU B 22 43.62 -11.14 -6.17
N SER B 23 42.94 -12.29 -6.32
CA SER B 23 41.69 -12.36 -7.05
C SER B 23 40.58 -12.83 -6.11
N CYS B 24 39.36 -12.36 -6.39
CA CYS B 24 38.19 -12.73 -5.59
C CYS B 24 36.98 -12.63 -6.50
N ALA B 25 36.58 -13.75 -7.08
CA ALA B 25 35.49 -13.79 -8.06
C ALA B 25 34.28 -14.43 -7.41
N ALA B 26 33.24 -13.62 -7.19
CA ALA B 26 32.01 -14.14 -6.61
C ALA B 26 31.24 -14.99 -7.62
N SER B 27 30.35 -15.83 -7.10
CA SER B 27 29.57 -16.71 -7.95
C SER B 27 28.25 -17.02 -7.26
N GLY B 28 27.28 -17.44 -8.07
CA GLY B 28 25.98 -17.83 -7.57
C GLY B 28 25.05 -16.69 -7.20
N THR B 29 25.46 -15.45 -7.39
CA THR B 29 24.63 -14.30 -7.09
C THR B 29 24.05 -13.71 -8.38
N ILE B 30 23.00 -12.90 -8.21
CA ILE B 30 22.37 -12.22 -9.32
C ILE B 30 22.66 -10.72 -9.32
N PHE B 31 22.81 -10.12 -8.14
CA PHE B 31 23.04 -8.69 -8.03
C PHE B 31 24.49 -8.36 -8.36
N VAL B 32 24.74 -7.07 -8.56
CA VAL B 32 26.10 -6.54 -8.67
C VAL B 32 26.50 -6.02 -7.30
N PHE B 33 27.62 -6.49 -6.79
CA PHE B 33 28.06 -6.11 -5.46
C PHE B 33 28.60 -4.68 -5.47
N ASP B 34 28.69 -4.10 -4.28
CA ASP B 34 28.98 -2.68 -4.14
C ASP B 34 30.40 -2.40 -3.68
N LYS B 35 30.82 -3.00 -2.56
CA LYS B 35 32.02 -2.57 -1.85
C LYS B 35 32.97 -3.72 -1.62
N MET B 36 33.31 -4.44 -2.69
CA MET B 36 34.18 -5.60 -2.61
C MET B 36 35.62 -5.15 -2.31
N GLY B 37 35.87 -4.85 -1.04
CA GLY B 37 37.18 -4.44 -0.57
C GLY B 37 37.81 -5.53 0.26
N TRP B 38 39.13 -5.61 0.20
CA TRP B 38 39.86 -6.68 0.87
C TRP B 38 40.11 -6.32 2.33
N TYR B 39 40.16 -7.35 3.16
CA TYR B 39 40.41 -7.22 4.60
C TYR B 39 41.46 -8.24 4.99
N ARG B 40 42.63 -7.76 5.38
CA ARG B 40 43.68 -8.66 5.84
C ARG B 40 43.54 -8.89 7.34
N GLN B 41 44.28 -9.87 7.85
CA GLN B 41 44.27 -10.19 9.27
C GLN B 41 45.63 -10.74 9.66
N ALA B 42 46.38 -9.96 10.43
CA ALA B 42 47.66 -10.41 10.96
C ALA B 42 47.43 -11.37 12.13
N PRO B 43 48.31 -12.36 12.32
CA PRO B 43 48.20 -13.24 13.48
C PRO B 43 48.48 -12.47 14.77
N GLY B 44 47.53 -12.51 15.70
CA GLY B 44 47.61 -11.67 16.86
C GLY B 44 47.08 -10.28 16.66
N LYS B 45 46.34 -10.04 15.57
CA LYS B 45 45.73 -8.75 15.28
C LYS B 45 44.38 -8.96 14.64
N GLU B 46 43.63 -7.87 14.51
CA GLU B 46 42.27 -7.91 14.00
C GLU B 46 42.28 -7.69 12.49
N ARG B 47 41.10 -7.42 11.92
CA ARG B 47 40.97 -7.03 10.53
C ARG B 47 41.04 -5.51 10.45
N GLU B 48 42.01 -4.98 9.71
CA GLU B 48 42.32 -3.56 9.85
C GLU B 48 42.02 -2.73 8.62
N PHE B 49 42.51 -3.09 7.44
CA PHE B 49 42.55 -2.12 6.35
C PHE B 49 41.34 -2.25 5.44
N VAL B 50 41.00 -1.14 4.80
CA VAL B 50 39.92 -1.09 3.82
C VAL B 50 40.51 -0.86 2.45
N ALA B 51 39.87 -1.41 1.43
CA ALA B 51 40.16 -1.11 0.04
C ALA B 51 38.86 -1.01 -0.74
N THR B 52 37.88 -0.33 -0.15
CA THR B 52 36.49 -0.41 -0.58
C THR B 52 36.24 0.31 -1.90
N ILE B 53 36.46 -0.38 -3.02
CA ILE B 53 36.11 0.19 -4.30
C ILE B 53 34.59 0.13 -4.47
N SER B 54 34.00 1.25 -4.86
CA SER B 54 32.55 1.37 -4.90
C SER B 54 32.01 0.75 -6.20
N ARG B 55 30.72 0.95 -6.44
CA ARG B 55 30.13 0.51 -7.69
C ARG B 55 30.60 1.39 -8.85
N GLY B 56 30.65 2.71 -8.63
CA GLY B 56 31.18 3.59 -9.65
C GLY B 56 32.70 3.48 -9.79
N GLY B 57 33.38 3.06 -8.73
CA GLY B 57 34.81 2.90 -8.76
C GLY B 57 35.53 4.04 -8.08
N SER B 58 35.88 3.84 -6.81
CA SER B 58 36.55 4.87 -6.03
C SER B 58 37.31 4.16 -4.92
N THR B 59 38.63 4.02 -5.10
CA THR B 59 39.46 3.31 -4.14
C THR B 59 39.60 4.10 -2.85
N ASN B 60 39.75 3.37 -1.75
CA ASN B 60 39.89 3.99 -0.42
C ASN B 60 40.78 3.07 0.41
N TYR B 61 42.06 3.37 0.43
CA TYR B 61 43.05 2.50 1.07
C TYR B 61 43.23 2.84 2.54
N ALA B 62 44.06 2.06 3.21
CA ALA B 62 44.70 2.48 4.44
C ALA B 62 45.97 3.23 4.09
N ASP B 63 46.44 4.06 5.03
CA ASP B 63 47.60 4.91 4.75
C ASP B 63 48.89 4.12 4.68
N SER B 64 48.95 2.97 5.35
CA SER B 64 50.17 2.16 5.33
C SER B 64 50.38 1.49 3.98
N VAL B 65 49.30 1.05 3.34
CA VAL B 65 49.37 0.42 2.04
C VAL B 65 49.01 1.39 0.92
N LYS B 66 48.99 2.69 1.22
CA LYS B 66 48.55 3.68 0.24
C LYS B 66 49.60 3.87 -0.85
N GLY B 67 49.13 3.97 -2.09
CA GLY B 67 50.01 4.19 -3.23
C GLY B 67 50.67 2.96 -3.81
N ARG B 68 51.35 2.18 -2.97
CA ARG B 68 52.02 0.96 -3.42
C ARG B 68 51.05 -0.17 -3.76
N PHE B 69 49.81 -0.11 -3.28
CA PHE B 69 48.81 -1.13 -3.55
C PHE B 69 47.72 -0.52 -4.43
N THR B 70 47.27 -1.28 -5.42
CA THR B 70 46.20 -0.80 -6.30
C THR B 70 45.12 -1.87 -6.42
N ILE B 71 43.95 -1.44 -6.88
CA ILE B 71 42.76 -2.29 -6.91
C ILE B 71 41.83 -1.79 -8.01
N SER B 72 41.32 -2.72 -8.82
CA SER B 72 40.42 -2.37 -9.91
C SER B 72 39.55 -3.58 -10.23
N ARG B 73 38.23 -3.36 -10.28
CA ARG B 73 37.29 -4.40 -10.67
C ARG B 73 36.61 -4.01 -11.97
N ASP B 74 36.36 -4.99 -12.82
CA ASP B 74 35.54 -4.76 -14.00
C ASP B 74 34.09 -4.54 -13.56
N ASN B 75 33.54 -3.37 -13.88
CA ASN B 75 32.31 -2.88 -13.26
C ASN B 75 31.04 -3.55 -13.78
N ALA B 76 31.15 -4.61 -14.58
CA ALA B 76 29.99 -5.35 -15.04
C ALA B 76 30.15 -6.85 -14.88
N LYS B 77 31.17 -7.32 -14.18
CA LYS B 77 31.37 -8.76 -14.05
C LYS B 77 31.80 -9.22 -12.66
N ASN B 78 31.76 -8.34 -11.65
CA ASN B 78 31.73 -8.71 -10.23
C ASN B 78 33.01 -9.40 -9.77
N THR B 79 34.16 -9.05 -10.33
CA THR B 79 35.45 -9.65 -9.95
C THR B 79 36.43 -8.56 -9.57
N VAL B 80 36.85 -8.57 -8.31
CA VAL B 80 37.83 -7.59 -7.82
C VAL B 80 39.23 -8.21 -7.94
N TYR B 81 40.19 -7.39 -8.36
CA TYR B 81 41.59 -7.81 -8.51
C TYR B 81 42.46 -6.86 -7.71
N LEU B 82 43.01 -7.34 -6.59
CA LEU B 82 43.95 -6.55 -5.80
C LEU B 82 45.36 -6.83 -6.29
N GLN B 83 45.96 -5.85 -6.95
CA GLN B 83 47.34 -5.95 -7.40
C GLN B 83 48.21 -5.21 -6.39
N MET B 84 48.96 -5.95 -5.60
CA MET B 84 49.86 -5.36 -4.62
C MET B 84 51.29 -5.38 -5.15
N ASN B 85 52.06 -4.37 -4.76
CA ASN B 85 53.41 -4.18 -5.27
C ASN B 85 54.33 -3.77 -4.14
N SER B 86 55.62 -4.10 -4.32
CA SER B 86 56.71 -3.80 -3.39
C SER B 86 56.43 -4.39 -2.01
N LEU B 87 56.39 -5.72 -1.98
CA LEU B 87 56.05 -6.45 -0.76
C LEU B 87 57.11 -6.28 0.30
N LYS B 88 56.68 -5.86 1.49
CA LYS B 88 57.52 -5.63 2.66
C LYS B 88 57.13 -6.61 3.76
N PRO B 89 58.06 -6.99 4.67
CA PRO B 89 57.78 -8.11 5.57
C PRO B 89 56.82 -7.84 6.72
N GLU B 90 56.08 -6.74 6.71
CA GLU B 90 54.98 -6.56 7.65
C GLU B 90 53.64 -7.03 7.08
N ASP B 91 53.61 -7.48 5.84
CA ASP B 91 52.38 -7.95 5.19
C ASP B 91 52.20 -9.45 5.30
N THR B 92 52.91 -10.11 6.21
CA THR B 92 52.78 -11.55 6.39
C THR B 92 51.49 -11.83 7.13
N ALA B 93 50.40 -11.96 6.38
CA ALA B 93 49.09 -12.12 6.98
C ALA B 93 48.16 -12.85 6.03
N VAL B 94 47.07 -13.37 6.57
CA VAL B 94 46.00 -13.90 5.75
C VAL B 94 45.16 -12.72 5.25
N TYR B 95 44.64 -12.84 4.03
CA TYR B 95 43.93 -11.75 3.37
C TYR B 95 42.55 -12.25 2.96
N TYR B 96 41.53 -11.88 3.73
CA TYR B 96 40.17 -12.26 3.38
C TYR B 96 39.63 -11.39 2.25
N CYS B 97 38.52 -11.83 1.69
CA CYS B 97 37.67 -11.00 0.84
C CYS B 97 36.44 -10.58 1.64
N ALA B 98 35.86 -9.45 1.25
CA ALA B 98 34.71 -8.93 1.97
C ALA B 98 33.87 -8.08 1.02
N VAL B 99 32.56 -8.32 1.01
CA VAL B 99 31.66 -7.67 0.05
C VAL B 99 30.47 -7.09 0.79
N ARG B 100 29.75 -6.21 0.09
CA ARG B 100 28.53 -5.59 0.61
C ARG B 100 27.50 -5.55 -0.50
N TYR B 101 26.24 -5.76 -0.12
CA TYR B 101 25.15 -5.60 -1.08
C TYR B 101 24.90 -4.14 -1.42
N THR B 102 25.01 -3.26 -0.41
CA THR B 102 24.37 -1.96 -0.47
C THR B 102 25.05 -1.06 0.55
N PRO B 103 24.98 0.28 0.37
CA PRO B 103 25.71 1.19 1.28
C PRO B 103 25.11 1.38 2.66
N TRP B 104 24.18 0.52 3.08
CA TRP B 104 23.71 0.55 4.45
C TRP B 104 23.48 -0.84 5.00
N ARG B 105 24.27 -1.83 4.56
CA ARG B 105 24.08 -3.20 4.99
C ARG B 105 25.21 -3.76 5.84
N ARG B 106 26.42 -3.20 5.75
CA ARG B 106 27.57 -3.49 6.61
C ARG B 106 28.00 -4.95 6.54
N TYR B 107 28.48 -5.33 5.34
CA TYR B 107 29.30 -6.52 5.10
C TYR B 107 28.57 -7.82 5.45
N SER B 108 27.55 -8.11 4.62
CA SER B 108 26.76 -9.33 4.74
C SER B 108 27.61 -10.59 4.60
N TYR B 109 28.21 -10.81 3.43
CA TYR B 109 29.00 -12.01 3.22
C TYR B 109 30.43 -11.81 3.72
N TRP B 110 31.24 -12.86 3.57
CA TRP B 110 32.65 -12.81 3.96
C TRP B 110 33.41 -13.84 3.11
N GLY B 111 34.72 -13.78 3.22
CA GLY B 111 35.58 -14.71 2.51
C GLY B 111 36.12 -15.80 3.41
N GLN B 112 36.79 -16.77 2.78
CA GLN B 112 37.35 -17.90 3.51
C GLN B 112 38.74 -17.61 4.05
N GLY B 113 39.64 -17.10 3.20
CA GLY B 113 40.96 -16.75 3.65
C GLY B 113 42.07 -17.13 2.69
N THR B 114 42.89 -16.16 2.32
CA THR B 114 44.06 -16.39 1.46
C THR B 114 45.28 -15.85 2.18
N GLN B 115 46.23 -16.73 2.48
CA GLN B 115 47.42 -16.38 3.24
C GLN B 115 48.57 -16.11 2.28
N VAL B 116 49.18 -14.92 2.40
CA VAL B 116 50.40 -14.59 1.68
C VAL B 116 51.52 -14.41 2.70
N THR B 117 52.67 -15.02 2.42
CA THR B 117 53.84 -14.98 3.29
C THR B 117 55.01 -14.43 2.47
N VAL B 118 55.55 -13.31 2.89
CA VAL B 118 56.70 -12.70 2.23
C VAL B 118 57.94 -12.86 3.10
N SER B 119 59.07 -13.14 2.48
CA SER B 119 60.33 -13.34 3.18
C SER B 119 61.36 -12.34 2.67
N SER B 120 62.50 -12.29 3.36
CA SER B 120 63.54 -11.33 3.02
C SER B 120 64.89 -12.01 2.83
N HIS B 121 64.92 -13.08 2.05
CA HIS B 121 66.18 -13.74 1.74
C HIS B 121 66.92 -12.97 0.64
#